data_2NDB
#
_entry.id   2NDB
#
_entity_poly.entity_id   1
_entity_poly.type   'polypeptide(L)'
_entity_poly.pdbx_seq_one_letter_code
;GKKKCIAKDYGRCKWGGTPCCRGRGCICSIMGTNCECKPRLIMEGLGLA
;
_entity_poly.pdbx_strand_id   A
#
# COMPACT_ATOMS: atom_id res chain seq x y z
N GLY A 1 2.16 -1.32 -19.12
CA GLY A 1 3.47 -1.40 -18.41
C GLY A 1 3.51 -0.38 -17.29
N LYS A 2 2.71 -0.60 -16.26
CA LYS A 2 2.67 0.32 -15.12
C LYS A 2 2.34 1.74 -15.59
N LYS A 3 2.05 1.87 -16.88
CA LYS A 3 1.72 3.17 -17.44
C LYS A 3 0.30 3.59 -17.06
N LYS A 4 -0.30 2.83 -16.14
CA LYS A 4 -1.66 3.12 -15.68
C LYS A 4 -1.69 3.34 -14.18
N CYS A 5 -0.57 3.05 -13.52
CA CYS A 5 -0.48 3.23 -12.08
C CYS A 5 0.83 3.90 -11.70
N ILE A 6 1.64 3.20 -10.92
CA ILE A 6 2.92 3.74 -10.48
C ILE A 6 4.05 2.77 -10.81
N ALA A 7 5.29 3.21 -10.57
CA ALA A 7 6.46 2.37 -10.84
C ALA A 7 7.17 2.02 -9.54
N LYS A 8 6.79 2.68 -8.46
CA LYS A 8 7.40 2.42 -7.16
C LYS A 8 7.23 0.97 -6.77
N ASP A 9 6.20 0.34 -7.31
CA ASP A 9 5.93 -1.06 -7.01
C ASP A 9 5.50 -1.23 -5.55
N TYR A 10 6.43 -0.98 -4.64
CA TYR A 10 6.14 -1.10 -3.21
C TYR A 10 6.73 0.08 -2.45
N GLY A 11 6.25 0.30 -1.23
CA GLY A 11 6.74 1.39 -0.41
C GLY A 11 5.82 2.60 -0.46
N ARG A 12 6.39 3.78 -0.61
CA ARG A 12 5.61 5.01 -0.67
C ARG A 12 4.34 4.81 -1.50
N CYS A 13 3.19 4.83 -0.83
CA CYS A 13 1.92 4.64 -1.52
C CYS A 13 0.82 5.45 -0.84
N LYS A 14 -0.15 5.90 -1.64
CA LYS A 14 -1.25 6.69 -1.11
C LYS A 14 -2.54 6.37 -1.85
N TRP A 15 -3.54 5.88 -1.12
CA TRP A 15 -4.83 5.55 -1.73
C TRP A 15 -5.43 6.77 -2.39
N GLY A 16 -5.21 7.92 -1.79
CA GLY A 16 -5.74 9.18 -2.32
C GLY A 16 -4.69 9.90 -3.16
N GLY A 17 -3.53 9.29 -3.30
CA GLY A 17 -2.45 9.88 -4.09
C GLY A 17 -1.71 8.82 -4.89
N THR A 18 -0.38 8.88 -4.85
CA THR A 18 0.44 7.92 -5.57
C THR A 18 -0.16 6.51 -5.48
N PRO A 19 -0.80 6.03 -6.52
CA PRO A 19 -1.43 4.67 -6.51
C PRO A 19 -0.45 3.58 -6.06
N CYS A 20 -0.85 2.33 -6.21
CA CYS A 20 -0.02 1.20 -5.82
C CYS A 20 -0.38 -0.03 -6.64
N CYS A 21 0.15 -0.09 -7.86
CA CYS A 21 -0.12 -1.22 -8.74
C CYS A 21 -0.13 -2.54 -7.96
N ARG A 22 1.03 -2.94 -7.46
CA ARG A 22 1.14 -4.17 -6.69
C ARG A 22 1.28 -3.86 -5.21
N GLY A 23 0.62 -4.66 -4.38
CA GLY A 23 0.66 -4.47 -2.93
C GLY A 23 -0.29 -3.36 -2.51
N ARG A 24 -1.53 -3.73 -2.23
CA ARG A 24 -2.54 -2.75 -1.82
C ARG A 24 -2.41 -2.44 -0.33
N GLY A 25 -1.55 -3.20 0.36
CA GLY A 25 -1.35 -2.99 1.79
C GLY A 25 -0.69 -1.64 2.06
N CYS A 26 -1.43 -0.56 1.79
CA CYS A 26 -0.90 0.77 2.01
C CYS A 26 -1.38 1.31 3.35
N ILE A 27 -0.49 1.25 4.35
CA ILE A 27 -0.83 1.73 5.68
C ILE A 27 0.19 2.77 6.13
N CYS A 28 -0.26 3.69 6.98
CA CYS A 28 0.61 4.74 7.49
C CYS A 28 0.72 4.68 9.01
N SER A 29 1.75 5.31 9.55
CA SER A 29 1.96 5.33 10.99
C SER A 29 0.83 6.07 11.69
N ILE A 30 0.95 6.19 13.00
CA ILE A 30 -0.07 6.88 13.79
C ILE A 30 -0.17 8.34 13.38
N MET A 31 0.95 8.92 12.95
CA MET A 31 0.97 10.31 12.54
C MET A 31 0.43 10.46 11.12
N GLY A 32 0.54 9.41 10.32
CA GLY A 32 0.06 9.45 8.95
C GLY A 32 1.08 10.09 8.03
N THR A 33 2.25 9.48 7.93
CA THR A 33 3.31 10.01 7.07
C THR A 33 4.15 8.88 6.49
N ASN A 34 4.25 7.78 7.23
CA ASN A 34 5.02 6.62 6.78
C ASN A 34 4.14 5.67 5.98
N CYS A 35 3.47 6.20 4.96
CA CYS A 35 2.59 5.38 4.12
C CYS A 35 3.41 4.48 3.21
N GLU A 36 3.48 3.19 3.56
CA GLU A 36 4.23 2.22 2.76
C GLU A 36 3.31 1.15 2.21
N CYS A 37 3.62 0.68 0.99
CA CYS A 37 2.83 -0.36 0.36
C CYS A 37 3.39 -1.74 0.67
N LYS A 38 2.60 -2.56 1.36
CA LYS A 38 3.04 -3.90 1.72
C LYS A 38 2.19 -4.95 0.97
N PRO A 39 2.76 -6.09 0.66
CA PRO A 39 2.03 -7.17 -0.06
C PRO A 39 0.96 -7.83 0.82
N ARG A 40 1.19 -7.81 2.14
CA ARG A 40 0.24 -8.39 3.08
C ARG A 40 -1.07 -7.62 3.07
N LEU A 41 -2.17 -8.36 3.18
CA LEU A 41 -3.49 -7.75 3.18
C LEU A 41 -3.83 -7.18 4.56
N ILE A 42 -5.12 -6.97 4.80
CA ILE A 42 -5.57 -6.43 6.08
C ILE A 42 -5.51 -7.51 7.15
N MET A 43 -5.84 -8.73 6.77
CA MET A 43 -5.82 -9.85 7.71
C MET A 43 -4.42 -10.05 8.28
N GLU A 44 -4.24 -9.72 9.55
CA GLU A 44 -2.95 -9.87 10.20
C GLU A 44 -2.73 -11.31 10.64
N GLY A 45 -3.41 -12.24 9.98
CA GLY A 45 -3.29 -13.65 10.31
C GLY A 45 -3.93 -14.53 9.24
N LEU A 46 -5.21 -14.83 9.43
CA LEU A 46 -5.95 -15.66 8.48
C LEU A 46 -7.27 -15.00 8.09
N GLY A 47 -8.14 -14.80 9.07
CA GLY A 47 -9.43 -14.18 8.83
C GLY A 47 -10.10 -13.76 10.13
N LEU A 48 -9.34 -13.05 10.97
CA LEU A 48 -9.87 -12.59 12.25
C LEU A 48 -10.42 -11.18 12.11
N ALA A 49 -9.67 -10.32 11.44
CA ALA A 49 -10.10 -8.94 11.24
C ALA A 49 -11.52 -8.89 10.70
N GLY A 1 -0.70 -6.19 -18.82
CA GLY A 1 -1.60 -5.65 -17.76
C GLY A 1 -1.00 -5.94 -16.39
N LYS A 2 -1.41 -5.16 -15.39
CA LYS A 2 -0.90 -5.34 -14.04
C LYS A 2 0.56 -4.94 -13.94
N LYS A 3 0.97 -4.46 -12.78
CA LYS A 3 2.35 -4.04 -12.57
C LYS A 3 2.67 -2.82 -13.42
N LYS A 4 1.97 -1.71 -13.15
CA LYS A 4 2.18 -0.47 -13.90
C LYS A 4 2.26 0.72 -12.94
N CYS A 5 1.65 0.58 -11.77
CA CYS A 5 1.65 1.66 -10.79
C CYS A 5 3.08 2.08 -10.45
N ILE A 6 3.74 1.29 -9.61
CA ILE A 6 5.10 1.59 -9.19
C ILE A 6 6.06 0.47 -9.60
N ALA A 7 5.54 -0.49 -10.36
CA ALA A 7 6.35 -1.61 -10.81
C ALA A 7 6.50 -2.64 -9.70
N LYS A 8 6.99 -2.20 -8.55
CA LYS A 8 7.17 -3.08 -7.41
C LYS A 8 5.84 -3.28 -6.68
N ASP A 9 5.88 -3.34 -5.35
CA ASP A 9 4.67 -3.54 -4.56
C ASP A 9 4.61 -2.54 -3.41
N TYR A 10 4.71 -3.07 -2.19
CA TYR A 10 4.66 -2.25 -0.98
C TYR A 10 5.75 -1.19 -1.00
N GLY A 11 5.47 -0.02 -0.42
CA GLY A 11 6.46 1.05 -0.38
C GLY A 11 5.81 2.38 -0.01
N ARG A 12 6.46 3.49 -0.38
CA ARG A 12 5.95 4.82 -0.09
C ARG A 12 4.73 5.14 -0.94
N CYS A 13 3.62 5.50 -0.29
CA CYS A 13 2.40 5.83 -1.02
C CYS A 13 1.64 6.94 -0.30
N LYS A 14 1.05 7.84 -1.09
CA LYS A 14 0.28 8.94 -0.51
C LYS A 14 -1.04 9.13 -1.27
N TRP A 15 -2.13 9.20 -0.52
CA TRP A 15 -3.44 9.39 -1.12
C TRP A 15 -3.41 10.52 -2.13
N GLY A 16 -2.60 11.53 -1.85
CA GLY A 16 -2.48 12.69 -2.73
C GLY A 16 -1.10 12.75 -3.36
N GLY A 17 -0.44 11.60 -3.44
CA GLY A 17 0.90 11.53 -4.02
C GLY A 17 0.99 10.42 -5.06
N THR A 18 1.98 9.54 -4.90
CA THR A 18 2.16 8.44 -5.84
C THR A 18 1.28 7.25 -5.44
N PRO A 19 0.78 6.49 -6.40
CA PRO A 19 -0.08 5.31 -6.12
C PRO A 19 0.72 4.13 -5.55
N CYS A 20 0.15 2.94 -5.66
CA CYS A 20 0.81 1.73 -5.18
C CYS A 20 0.02 0.50 -5.61
N CYS A 21 0.43 -0.09 -6.74
CA CYS A 21 -0.27 -1.27 -7.25
C CYS A 21 -0.61 -2.23 -6.11
N ARG A 22 0.34 -3.08 -5.74
CA ARG A 22 0.12 -4.03 -4.66
C ARG A 22 0.15 -3.32 -3.31
N GLY A 23 -0.94 -3.43 -2.56
CA GLY A 23 -1.03 -2.79 -1.26
C GLY A 23 -1.85 -1.51 -1.33
N ARG A 24 -3.16 -1.65 -1.17
CA ARG A 24 -4.05 -0.51 -1.23
C ARG A 24 -4.14 0.15 0.14
N GLY A 25 -3.84 -0.61 1.19
CA GLY A 25 -3.88 -0.09 2.55
C GLY A 25 -2.81 0.98 2.76
N CYS A 26 -3.06 2.17 2.23
CA CYS A 26 -2.11 3.27 2.37
C CYS A 26 -2.46 4.11 3.59
N ILE A 27 -1.59 4.05 4.59
CA ILE A 27 -1.79 4.80 5.81
C ILE A 27 -0.57 5.65 6.10
N CYS A 28 -0.73 6.64 6.96
CA CYS A 28 0.37 7.52 7.31
C CYS A 28 0.28 7.93 8.78
N SER A 29 1.13 8.87 9.17
CA SER A 29 1.15 9.35 10.54
C SER A 29 0.28 10.61 10.68
N ILE A 30 0.06 11.03 11.92
CA ILE A 30 -0.75 12.22 12.17
C ILE A 30 -0.25 13.40 11.34
N MET A 31 1.04 13.38 11.01
CA MET A 31 1.63 14.46 10.23
C MET A 31 1.39 14.23 8.74
N GLY A 32 1.50 12.96 8.32
CA GLY A 32 1.29 12.63 6.91
C GLY A 32 2.62 12.59 6.16
N THR A 33 3.61 11.90 6.75
CA THR A 33 4.92 11.79 6.13
C THR A 33 5.30 10.32 5.93
N ASN A 34 5.18 9.53 6.99
CA ASN A 34 5.50 8.11 6.92
C ASN A 34 4.37 7.35 6.22
N CYS A 35 3.99 7.83 5.04
CA CYS A 35 2.91 7.20 4.28
C CYS A 35 3.44 6.04 3.45
N GLU A 36 2.86 4.86 3.67
CA GLU A 36 3.30 3.67 2.92
C GLU A 36 2.12 2.80 2.50
N CYS A 37 2.27 2.14 1.36
CA CYS A 37 1.24 1.25 0.85
C CYS A 37 1.49 -0.16 1.36
N LYS A 38 0.53 -0.67 2.14
CA LYS A 38 0.63 -2.00 2.70
C LYS A 38 -0.71 -2.73 2.57
N PRO A 39 -0.71 -4.02 2.74
CA PRO A 39 -1.96 -4.84 2.64
C PRO A 39 -2.87 -4.64 3.86
N ARG A 40 -4.04 -5.28 3.83
CA ARG A 40 -4.99 -5.18 4.92
C ARG A 40 -4.49 -5.93 6.15
N LEU A 41 -5.33 -6.04 7.17
CA LEU A 41 -4.97 -6.73 8.39
C LEU A 41 -5.95 -7.87 8.68
N ILE A 42 -6.45 -8.49 7.62
CA ILE A 42 -7.40 -9.59 7.77
C ILE A 42 -6.98 -10.77 6.91
N MET A 43 -7.18 -11.98 7.42
CA MET A 43 -6.81 -13.19 6.68
C MET A 43 -8.06 -13.84 6.10
N GLU A 44 -8.21 -13.76 4.78
CA GLU A 44 -9.37 -14.34 4.11
C GLU A 44 -9.36 -15.87 4.25
N GLY A 45 -8.18 -16.46 4.11
CA GLY A 45 -8.04 -17.91 4.22
C GLY A 45 -6.60 -18.34 3.97
N LEU A 46 -5.70 -17.36 3.93
CA LEU A 46 -4.29 -17.65 3.70
C LEU A 46 -3.58 -17.89 5.03
N GLY A 47 -3.86 -17.04 6.01
CA GLY A 47 -3.25 -17.17 7.33
C GLY A 47 -1.90 -16.47 7.37
N LEU A 48 -1.79 -15.34 6.67
CA LEU A 48 -0.55 -14.59 6.63
C LEU A 48 -0.84 -13.10 6.44
N ALA A 49 -1.79 -12.80 5.56
CA ALA A 49 -2.16 -11.42 5.30
C ALA A 49 -2.78 -10.77 6.52
N GLY A 1 -1.86 -4.26 -18.86
CA GLY A 1 -2.22 -2.88 -18.42
C GLY A 1 -1.82 -2.70 -16.96
N LYS A 2 -0.54 -2.94 -16.65
CA LYS A 2 -0.05 -2.80 -15.29
C LYS A 2 1.44 -2.48 -15.29
N LYS A 3 1.79 -1.21 -15.45
CA LYS A 3 3.19 -0.80 -15.46
C LYS A 3 3.29 0.73 -15.59
N LYS A 4 2.21 1.41 -15.24
CA LYS A 4 2.18 2.87 -15.32
C LYS A 4 2.14 3.48 -13.92
N CYS A 5 1.40 2.83 -13.03
CA CYS A 5 1.28 3.31 -11.65
C CYS A 5 2.64 3.70 -11.11
N ILE A 6 3.26 2.78 -10.37
CA ILE A 6 4.58 3.03 -9.78
C ILE A 6 5.62 2.13 -10.43
N ALA A 7 6.84 2.17 -9.90
CA ALA A 7 7.93 1.35 -10.44
C ALA A 7 8.24 0.20 -9.49
N LYS A 8 7.58 0.20 -8.34
CA LYS A 8 7.79 -0.84 -7.34
C LYS A 8 6.55 -1.72 -7.21
N ASP A 9 5.98 -1.75 -6.00
CA ASP A 9 4.78 -2.55 -5.76
C ASP A 9 4.25 -2.29 -4.36
N TYR A 10 5.16 -2.22 -3.39
CA TYR A 10 4.76 -1.97 -2.01
C TYR A 10 5.76 -1.04 -1.32
N GLY A 11 5.37 -0.50 -0.17
CA GLY A 11 6.25 0.41 0.58
C GLY A 11 5.79 1.85 0.46
N ARG A 12 6.74 2.78 0.57
CA ARG A 12 6.42 4.21 0.47
C ARG A 12 5.35 4.46 -0.59
N CYS A 13 4.33 5.22 -0.21
CA CYS A 13 3.25 5.54 -1.13
C CYS A 13 2.48 6.77 -0.66
N LYS A 14 1.79 7.42 -1.59
CA LYS A 14 1.02 8.60 -1.25
C LYS A 14 -0.08 8.83 -2.28
N TRP A 15 -1.32 8.60 -1.87
CA TRP A 15 -2.46 8.77 -2.77
C TRP A 15 -2.39 10.12 -3.47
N GLY A 16 -1.75 11.08 -2.81
CA GLY A 16 -1.61 12.41 -3.37
C GLY A 16 -0.37 12.49 -4.27
N GLY A 17 0.65 11.73 -3.92
CA GLY A 17 1.88 11.72 -4.70
C GLY A 17 1.90 10.58 -5.70
N THR A 18 2.66 9.54 -5.41
CA THR A 18 2.75 8.38 -6.31
C THR A 18 1.68 7.34 -5.96
N PRO A 19 1.12 6.67 -6.94
CA PRO A 19 0.06 5.63 -6.70
C PRO A 19 0.64 4.38 -6.06
N CYS A 20 -0.09 3.27 -6.17
CA CYS A 20 0.35 2.00 -5.60
C CYS A 20 -0.40 0.85 -6.25
N CYS A 21 0.16 0.32 -7.34
CA CYS A 21 -0.49 -0.79 -8.04
C CYS A 21 -0.90 -1.89 -7.07
N ARG A 22 0.06 -2.76 -6.75
CA ARG A 22 -0.22 -3.87 -5.83
C ARG A 22 -0.23 -3.37 -4.39
N GLY A 23 -1.43 -3.17 -3.85
CA GLY A 23 -1.56 -2.69 -2.47
C GLY A 23 -2.16 -1.28 -2.45
N ARG A 24 -3.35 -1.16 -1.86
CA ARG A 24 -4.02 0.14 -1.77
C ARG A 24 -4.05 0.61 -0.33
N GLY A 25 -3.40 -0.14 0.55
CA GLY A 25 -3.37 0.22 1.96
C GLY A 25 -2.42 1.40 2.20
N CYS A 26 -2.45 2.38 1.30
CA CYS A 26 -1.60 3.55 1.42
C CYS A 26 -2.08 4.44 2.56
N ILE A 27 -1.57 4.16 3.75
CA ILE A 27 -1.95 4.94 4.93
C ILE A 27 -0.74 5.68 5.48
N CYS A 28 -1.00 6.75 6.22
CA CYS A 28 0.06 7.56 6.79
C CYS A 28 -0.27 7.96 8.23
N SER A 29 0.55 8.82 8.80
CA SER A 29 0.34 9.28 10.18
C SER A 29 -0.35 10.64 10.18
N ILE A 30 -0.95 10.98 11.32
CA ILE A 30 -1.64 12.26 11.45
C ILE A 30 -0.83 13.37 10.80
N MET A 31 0.49 13.17 10.71
CA MET A 31 1.37 14.15 10.10
C MET A 31 1.34 14.04 8.59
N GLY A 32 1.47 12.82 8.08
CA GLY A 32 1.46 12.59 6.65
C GLY A 32 2.88 12.49 6.10
N THR A 33 3.69 11.65 6.74
CA THR A 33 5.08 11.47 6.32
C THR A 33 5.41 9.99 6.20
N ASN A 34 5.09 9.22 7.24
CA ASN A 34 5.35 7.78 7.23
C ASN A 34 4.33 7.06 6.38
N CYS A 35 4.07 7.59 5.19
CA CYS A 35 3.10 6.98 4.28
C CYS A 35 3.70 5.73 3.62
N GLU A 36 3.03 4.60 3.83
CA GLU A 36 3.49 3.34 3.25
C GLU A 36 2.33 2.56 2.64
N CYS A 37 2.66 1.69 1.69
CA CYS A 37 1.65 0.88 1.03
C CYS A 37 1.61 -0.52 1.64
N LYS A 38 0.50 -0.85 2.27
CA LYS A 38 0.34 -2.15 2.90
C LYS A 38 -0.74 -2.98 2.18
N PRO A 39 -0.59 -4.28 2.11
CA PRO A 39 -1.59 -5.18 1.44
C PRO A 39 -2.90 -5.27 2.23
N ARG A 40 -3.69 -6.29 1.92
CA ARG A 40 -4.97 -6.49 2.60
C ARG A 40 -4.84 -7.60 3.64
N LEU A 41 -5.87 -7.74 4.47
CA LEU A 41 -5.88 -8.78 5.49
C LEU A 41 -5.53 -10.13 4.91
N ILE A 42 -4.49 -10.76 5.43
CA ILE A 42 -4.06 -12.07 4.94
C ILE A 42 -4.79 -13.19 5.68
N MET A 43 -4.78 -13.11 7.01
CA MET A 43 -5.44 -14.12 7.83
C MET A 43 -6.18 -13.47 8.99
N GLU A 44 -7.44 -13.86 9.18
CA GLU A 44 -8.25 -13.30 10.25
C GLU A 44 -7.65 -13.66 11.61
N GLY A 45 -8.30 -14.58 12.31
CA GLY A 45 -7.82 -15.01 13.62
C GLY A 45 -7.14 -16.37 13.55
N LEU A 46 -7.41 -17.09 12.46
CA LEU A 46 -6.81 -18.41 12.27
C LEU A 46 -5.50 -18.30 11.50
N GLY A 47 -4.79 -19.42 11.39
CA GLY A 47 -3.52 -19.45 10.67
C GLY A 47 -3.59 -20.40 9.48
N LEU A 48 -4.45 -20.08 8.53
CA LEU A 48 -4.60 -20.92 7.34
C LEU A 48 -5.10 -20.08 6.16
N ALA A 49 -6.05 -19.19 6.43
CA ALA A 49 -6.61 -18.34 5.38
C ALA A 49 -5.52 -17.45 4.79
N GLY A 1 -2.18 -7.45 -15.25
CA GLY A 1 -1.69 -8.64 -14.48
C GLY A 1 -1.13 -8.17 -13.14
N LYS A 2 -2.02 -7.80 -12.23
CA LYS A 2 -1.60 -7.34 -10.91
C LYS A 2 -0.59 -6.21 -11.03
N LYS A 3 -0.50 -5.63 -12.22
CA LYS A 3 0.43 -4.53 -12.46
C LYS A 3 -0.32 -3.27 -12.88
N LYS A 4 -1.55 -3.13 -12.39
CA LYS A 4 -2.37 -1.97 -12.71
C LYS A 4 -1.99 -0.79 -11.83
N CYS A 5 -1.49 -1.11 -10.63
CA CYS A 5 -1.08 -0.07 -9.68
C CYS A 5 0.37 0.34 -9.96
N ILE A 6 1.29 -0.18 -9.17
CA ILE A 6 2.71 0.14 -9.34
C ILE A 6 3.54 -1.12 -9.26
N ALA A 7 4.86 -0.95 -9.14
CA ALA A 7 5.77 -2.09 -9.04
C ALA A 7 6.69 -1.95 -7.82
N LYS A 8 6.78 -0.73 -7.29
CA LYS A 8 7.64 -0.49 -6.13
C LYS A 8 7.16 -1.32 -4.94
N ASP A 9 5.85 -1.37 -4.74
CA ASP A 9 5.27 -2.13 -3.64
C ASP A 9 5.78 -1.58 -2.31
N TYR A 10 4.86 -1.42 -1.36
CA TYR A 10 5.23 -0.90 -0.04
C TYR A 10 6.04 0.39 -0.19
N GLY A 11 6.37 0.99 0.94
CA GLY A 11 7.15 2.22 0.94
C GLY A 11 6.26 3.44 0.70
N ARG A 12 6.84 4.50 0.14
CA ARG A 12 6.08 5.72 -0.14
C ARG A 12 4.71 5.39 -0.72
N CYS A 13 3.71 6.18 -0.35
CA CYS A 13 2.35 5.96 -0.84
C CYS A 13 1.61 7.29 -0.97
N LYS A 14 0.46 7.25 -1.62
CA LYS A 14 -0.34 8.46 -1.81
C LYS A 14 -1.78 8.09 -2.13
N TRP A 15 -2.67 8.25 -1.16
CA TRP A 15 -4.08 7.92 -1.35
C TRP A 15 -4.63 8.64 -2.58
N GLY A 16 -3.94 9.69 -3.00
CA GLY A 16 -4.37 10.47 -4.15
C GLY A 16 -3.58 10.07 -5.40
N GLY A 17 -2.56 9.25 -5.21
CA GLY A 17 -1.73 8.79 -6.32
C GLY A 17 -1.21 7.39 -6.07
N THR A 18 0.11 7.27 -5.89
CA THR A 18 0.74 5.97 -5.65
C THR A 18 -0.15 5.11 -4.75
N PRO A 19 -0.88 4.16 -5.30
CA PRO A 19 -1.78 3.28 -4.49
C PRO A 19 -1.03 2.17 -3.78
N CYS A 20 0.14 1.83 -4.30
CA CYS A 20 0.96 0.78 -3.70
C CYS A 20 0.27 -0.58 -3.83
N CYS A 21 0.56 -1.29 -4.93
CA CYS A 21 -0.04 -2.60 -5.16
C CYS A 21 -0.21 -3.36 -3.85
N ARG A 22 0.90 -3.84 -3.30
CA ARG A 22 0.86 -4.57 -2.04
C ARG A 22 1.14 -3.64 -0.86
N GLY A 23 0.23 -3.62 0.10
CA GLY A 23 0.38 -2.77 1.27
C GLY A 23 -0.53 -1.56 1.19
N ARG A 24 -1.66 -1.61 1.89
CA ARG A 24 -2.60 -0.50 1.89
C ARG A 24 -2.38 0.41 3.09
N GLY A 25 -1.42 0.02 3.93
CA GLY A 25 -1.10 0.82 5.12
C GLY A 25 -0.46 2.15 4.75
N CYS A 26 -1.22 3.00 4.05
CA CYS A 26 -0.70 4.29 3.65
C CYS A 26 -0.87 5.31 4.76
N ILE A 27 -0.09 5.13 5.81
CA ILE A 27 -0.13 6.04 6.95
C ILE A 27 0.78 7.22 6.70
N CYS A 28 0.37 8.38 7.20
CA CYS A 28 1.14 9.59 7.03
C CYS A 28 1.40 10.27 8.37
N SER A 29 2.32 11.22 8.37
CA SER A 29 2.66 11.95 9.60
C SER A 29 1.54 12.92 9.97
N ILE A 30 1.62 13.46 11.18
CA ILE A 30 0.61 14.41 11.65
C ILE A 30 0.45 15.57 10.66
N MET A 31 1.51 15.85 9.92
CA MET A 31 1.48 16.93 8.95
C MET A 31 0.90 16.44 7.62
N GLY A 32 1.30 15.23 7.23
CA GLY A 32 0.82 14.66 5.98
C GLY A 32 1.91 14.67 4.91
N THR A 33 3.02 13.99 5.20
CA THR A 33 4.14 13.94 4.27
C THR A 33 4.79 12.57 4.29
N ASN A 34 4.74 11.92 5.45
CA ASN A 34 5.33 10.58 5.60
C ASN A 34 4.35 9.52 5.13
N CYS A 35 3.73 9.74 3.97
CA CYS A 35 2.77 8.79 3.44
C CYS A 35 3.47 7.57 2.87
N GLU A 36 3.33 6.43 3.54
CA GLU A 36 3.96 5.20 3.06
C GLU A 36 3.07 3.99 3.28
N CYS A 37 3.00 3.12 2.27
CA CYS A 37 2.18 1.90 2.37
C CYS A 37 2.86 0.88 3.27
N LYS A 38 2.17 0.49 4.34
CA LYS A 38 2.71 -0.49 5.28
C LYS A 38 2.10 -1.87 5.04
N PRO A 39 2.86 -2.93 5.26
CA PRO A 39 2.37 -4.32 5.04
C PRO A 39 1.30 -4.72 6.07
N ARG A 40 0.57 -5.78 5.76
CA ARG A 40 -0.47 -6.26 6.66
C ARG A 40 -0.48 -7.78 6.71
N LEU A 41 -1.44 -8.34 7.44
CA LEU A 41 -1.54 -9.80 7.56
C LEU A 41 -2.59 -10.34 6.59
N ILE A 42 -2.23 -10.40 5.32
CA ILE A 42 -3.14 -10.91 4.29
C ILE A 42 -3.37 -12.41 4.46
N MET A 43 -4.53 -12.87 4.03
CA MET A 43 -4.86 -14.29 4.14
C MET A 43 -3.67 -15.16 3.74
N GLU A 44 -3.75 -16.44 4.06
CA GLU A 44 -2.66 -17.36 3.72
C GLU A 44 -2.25 -17.20 2.27
N GLY A 45 -3.08 -16.51 1.49
CA GLY A 45 -2.80 -16.29 0.08
C GLY A 45 -3.99 -15.67 -0.63
N LEU A 46 -5.17 -16.21 -0.37
CA LEU A 46 -6.40 -15.70 -0.98
C LEU A 46 -7.22 -14.93 0.04
N GLY A 47 -7.61 -13.71 -0.31
CA GLY A 47 -8.40 -12.87 0.58
C GLY A 47 -9.82 -13.40 0.68
N LEU A 48 -9.95 -14.64 1.12
CA LEU A 48 -11.27 -15.25 1.26
C LEU A 48 -11.51 -15.69 2.70
N ALA A 49 -10.46 -16.22 3.33
CA ALA A 49 -10.56 -16.67 4.72
C ALA A 49 -10.74 -15.47 5.66
N GLY A 1 6.31 1.33 -21.01
CA GLY A 1 4.92 1.28 -21.54
C GLY A 1 4.12 0.22 -20.79
N LYS A 2 3.32 0.66 -19.82
CA LYS A 2 2.51 -0.28 -19.04
C LYS A 2 1.14 0.32 -18.75
N LYS A 3 1.04 1.04 -17.63
CA LYS A 3 -0.23 1.66 -17.25
C LYS A 3 0.00 2.72 -16.18
N LYS A 4 -1.06 3.05 -15.45
CA LYS A 4 -0.97 4.05 -14.39
C LYS A 4 -0.44 3.43 -13.11
N CYS A 5 -0.49 4.20 -12.02
CA CYS A 5 -0.01 3.72 -10.73
C CYS A 5 1.51 3.77 -10.67
N ILE A 6 2.05 3.52 -9.48
CA ILE A 6 3.50 3.53 -9.29
C ILE A 6 4.19 2.66 -10.33
N ALA A 7 5.49 2.47 -10.15
CA ALA A 7 6.26 1.64 -11.08
C ALA A 7 7.42 0.96 -10.36
N LYS A 8 7.08 0.10 -9.41
CA LYS A 8 8.09 -0.62 -8.64
C LYS A 8 7.46 -1.72 -7.80
N ASP A 9 6.14 -1.69 -7.69
CA ASP A 9 5.42 -2.70 -6.92
C ASP A 9 5.79 -2.59 -5.44
N TYR A 10 4.78 -2.50 -4.58
CA TYR A 10 5.01 -2.39 -3.15
C TYR A 10 6.05 -1.31 -2.86
N GLY A 11 6.33 -1.09 -1.57
CA GLY A 11 7.30 -0.09 -1.17
C GLY A 11 6.61 1.08 -0.48
N ARG A 12 6.59 2.23 -1.16
CA ARG A 12 5.96 3.43 -0.62
C ARG A 12 4.75 3.82 -1.46
N CYS A 13 3.66 4.21 -0.79
CA CYS A 13 2.44 4.60 -1.49
C CYS A 13 1.77 5.76 -0.78
N LYS A 14 0.65 6.23 -1.35
CA LYS A 14 -0.08 7.33 -0.74
C LYS A 14 -1.54 7.33 -1.19
N TRP A 15 -2.46 7.14 -0.26
CA TRP A 15 -3.87 7.12 -0.58
C TRP A 15 -4.25 8.36 -1.39
N GLY A 16 -5.10 8.16 -2.41
CA GLY A 16 -5.53 9.26 -3.25
C GLY A 16 -4.40 9.73 -4.16
N GLY A 17 -3.17 9.71 -3.64
CA GLY A 17 -2.01 10.12 -4.41
C GLY A 17 -1.36 8.93 -5.09
N THR A 18 -0.02 8.96 -5.19
CA THR A 18 0.73 7.87 -5.84
C THR A 18 0.08 6.51 -5.53
N PRO A 19 -0.77 6.00 -6.42
CA PRO A 19 -1.46 4.70 -6.21
C PRO A 19 -0.47 3.54 -6.10
N CYS A 20 -0.89 2.46 -5.46
CA CYS A 20 -0.03 1.29 -5.30
C CYS A 20 -0.58 0.12 -6.12
N CYS A 21 0.05 -0.14 -7.26
CA CYS A 21 -0.40 -1.23 -8.12
C CYS A 21 -0.54 -2.52 -7.32
N ARG A 22 0.60 -3.10 -6.92
CA ARG A 22 0.58 -4.33 -6.15
C ARG A 22 0.90 -4.04 -4.68
N GLY A 23 -0.12 -4.14 -3.84
CA GLY A 23 0.06 -3.87 -2.41
C GLY A 23 -1.04 -2.97 -1.88
N ARG A 24 -2.21 -3.56 -1.65
CA ARG A 24 -3.34 -2.82 -1.16
C ARG A 24 -3.22 -2.59 0.35
N GLY A 25 -2.08 -3.00 0.91
CA GLY A 25 -1.85 -2.83 2.34
C GLY A 25 -1.03 -1.57 2.61
N CYS A 26 -1.62 -0.41 2.32
CA CYS A 26 -0.94 0.85 2.53
C CYS A 26 -1.35 1.46 3.86
N ILE A 27 -0.46 1.35 4.83
CA ILE A 27 -0.71 1.90 6.16
C ILE A 27 0.19 3.10 6.40
N CYS A 28 -0.22 3.97 7.31
CA CYS A 28 0.54 5.16 7.63
C CYS A 28 0.68 5.32 9.15
N SER A 29 1.43 6.33 9.56
CA SER A 29 1.64 6.60 10.99
C SER A 29 0.54 7.52 11.52
N ILE A 30 0.44 7.61 12.84
CA ILE A 30 -0.57 8.45 13.47
C ILE A 30 -0.60 9.84 12.81
N MET A 31 0.54 10.25 12.26
CA MET A 31 0.63 11.55 11.61
C MET A 31 0.27 11.43 10.13
N GLY A 32 0.83 10.42 9.47
CA GLY A 32 0.56 10.21 8.06
C GLY A 32 1.65 10.84 7.20
N THR A 33 2.85 10.27 7.25
CA THR A 33 3.97 10.79 6.47
C THR A 33 4.88 9.66 6.02
N ASN A 34 4.68 8.48 6.60
CA ASN A 34 5.49 7.31 6.24
C ASN A 34 4.61 6.22 5.64
N CYS A 35 3.66 6.62 4.80
CA CYS A 35 2.76 5.66 4.18
C CYS A 35 3.55 4.60 3.42
N GLU A 36 3.61 3.40 3.99
CA GLU A 36 4.33 2.30 3.36
C GLU A 36 3.36 1.31 2.71
N CYS A 37 3.68 0.91 1.48
CA CYS A 37 2.84 -0.04 0.77
C CYS A 37 3.19 -1.47 1.17
N LYS A 38 2.43 -2.03 2.10
CA LYS A 38 2.69 -3.39 2.56
C LYS A 38 1.78 -4.40 1.84
N PRO A 39 2.25 -5.61 1.62
CA PRO A 39 1.44 -6.66 0.95
C PRO A 39 -0.03 -6.64 1.38
N ARG A 40 -0.28 -6.96 2.64
CA ARG A 40 -1.64 -6.97 3.16
C ARG A 40 -1.71 -6.30 4.54
N LEU A 41 -2.83 -6.47 5.23
CA LEU A 41 -2.99 -5.88 6.55
C LEU A 41 -2.47 -6.83 7.63
N ILE A 42 -2.70 -6.45 8.89
CA ILE A 42 -2.24 -7.27 10.00
C ILE A 42 -3.04 -8.57 10.06
N MET A 43 -4.20 -8.57 9.42
CA MET A 43 -5.05 -9.76 9.41
C MET A 43 -4.25 -10.98 8.97
N GLU A 44 -4.55 -12.13 9.57
CA GLU A 44 -3.86 -13.37 9.22
C GLU A 44 -4.35 -13.91 7.89
N GLY A 45 -4.61 -13.00 6.95
CA GLY A 45 -5.10 -13.39 5.64
C GLY A 45 -6.55 -13.84 5.70
N LEU A 46 -7.44 -12.90 6.00
CA LEU A 46 -8.86 -13.20 6.09
C LEU A 46 -9.09 -14.56 6.75
N GLY A 47 -8.54 -14.72 7.95
CA GLY A 47 -8.69 -15.98 8.68
C GLY A 47 -8.94 -15.72 10.16
N LEU A 48 -8.43 -14.60 10.65
CA LEU A 48 -8.60 -14.25 12.07
C LEU A 48 -9.66 -13.16 12.22
N ALA A 49 -9.66 -12.20 11.30
CA ALA A 49 -10.63 -11.11 11.35
C ALA A 49 -12.05 -11.65 11.33
N GLY A 1 5.25 -3.99 -18.78
CA GLY A 1 5.12 -4.91 -17.61
C GLY A 1 3.81 -4.61 -16.89
N LYS A 2 2.75 -5.32 -17.26
CA LYS A 2 1.45 -5.13 -16.64
C LYS A 2 1.09 -3.65 -16.57
N LYS A 3 0.05 -3.33 -15.82
CA LYS A 3 -0.38 -1.94 -15.68
C LYS A 3 0.81 -1.04 -15.37
N LYS A 4 0.60 0.26 -15.45
CA LYS A 4 1.66 1.22 -15.18
C LYS A 4 1.83 1.43 -13.68
N CYS A 5 0.98 2.26 -13.08
CA CYS A 5 1.04 2.53 -11.65
C CYS A 5 2.48 2.55 -11.17
N ILE A 6 2.86 1.54 -10.39
CA ILE A 6 4.20 1.43 -9.85
C ILE A 6 4.77 0.05 -10.13
N ALA A 7 6.05 -0.14 -9.76
CA ALA A 7 6.71 -1.44 -9.96
C ALA A 7 7.08 -2.06 -8.62
N LYS A 8 7.14 -1.23 -7.60
CA LYS A 8 7.49 -1.70 -6.25
C LYS A 8 6.25 -2.14 -5.49
N ASP A 9 5.54 -3.10 -6.05
CA ASP A 9 4.32 -3.63 -5.43
C ASP A 9 4.47 -3.67 -3.91
N TYR A 10 3.44 -3.20 -3.21
CA TYR A 10 3.46 -3.17 -1.74
C TYR A 10 4.68 -2.40 -1.25
N GLY A 11 4.60 -1.94 0.00
CA GLY A 11 5.69 -1.18 0.59
C GLY A 11 5.26 0.24 0.95
N ARG A 12 5.71 1.21 0.16
CA ARG A 12 5.37 2.61 0.40
C ARG A 12 4.22 3.05 -0.50
N CYS A 13 3.36 3.92 0.03
CA CYS A 13 2.22 4.41 -0.74
C CYS A 13 1.72 5.73 -0.16
N LYS A 14 1.32 6.65 -1.03
CA LYS A 14 0.83 7.94 -0.58
C LYS A 14 -0.24 8.47 -1.53
N TRP A 15 -1.43 8.70 -1.00
CA TRP A 15 -2.54 9.20 -1.82
C TRP A 15 -2.20 10.57 -2.38
N GLY A 16 -1.21 11.23 -1.77
CA GLY A 16 -0.79 12.56 -2.22
C GLY A 16 0.57 12.49 -2.89
N GLY A 17 1.03 11.26 -3.15
CA GLY A 17 2.33 11.08 -3.79
C GLY A 17 2.23 10.02 -4.89
N THR A 18 2.90 8.89 -4.68
CA THR A 18 2.88 7.82 -5.68
C THR A 18 1.69 6.89 -5.42
N PRO A 19 1.17 6.25 -6.45
CA PRO A 19 0.02 5.31 -6.32
C PRO A 19 0.43 4.00 -5.63
N CYS A 20 -0.38 2.97 -5.84
CA CYS A 20 -0.10 1.66 -5.24
C CYS A 20 -0.87 0.58 -5.97
N CYS A 21 -0.34 0.14 -7.11
CA CYS A 21 -0.98 -0.91 -7.91
C CYS A 21 -1.60 -1.98 -7.00
N ARG A 22 -0.74 -2.75 -6.34
CA ARG A 22 -1.21 -3.80 -5.45
C ARG A 22 -1.04 -3.38 -4.00
N GLY A 23 -2.06 -2.71 -3.46
CA GLY A 23 -2.02 -2.26 -2.08
C GLY A 23 -2.98 -1.10 -1.87
N ARG A 24 -4.19 -1.40 -1.42
CA ARG A 24 -5.19 -0.37 -1.17
C ARG A 24 -5.23 0.00 0.31
N GLY A 25 -4.52 -0.75 1.13
CA GLY A 25 -4.49 -0.49 2.55
C GLY A 25 -3.39 0.51 2.89
N CYS A 26 -3.41 1.66 2.23
CA CYS A 26 -2.42 2.69 2.49
C CYS A 26 -2.73 3.41 3.79
N ILE A 27 -2.13 2.94 4.87
CA ILE A 27 -2.35 3.54 6.17
C ILE A 27 -1.14 4.39 6.57
N CYS A 28 -1.40 5.44 7.34
CA CYS A 28 -0.33 6.33 7.78
C CYS A 28 -0.48 6.65 9.26
N SER A 29 0.44 7.47 9.77
CA SER A 29 0.40 7.85 11.17
C SER A 29 -0.32 9.17 11.33
N ILE A 30 -0.55 9.57 12.58
CA ILE A 30 -1.24 10.82 12.87
C ILE A 30 -0.54 11.99 12.18
N MET A 31 0.75 11.84 11.92
CA MET A 31 1.52 12.89 11.27
C MET A 31 1.43 12.76 9.76
N GLY A 32 1.00 11.60 9.29
CA GLY A 32 0.88 11.36 7.86
C GLY A 32 2.24 11.47 7.17
N THR A 33 3.15 10.55 7.51
CA THR A 33 4.48 10.55 6.91
C THR A 33 4.95 9.12 6.64
N ASN A 34 4.54 8.21 7.51
CA ASN A 34 4.92 6.81 7.36
C ASN A 34 3.83 6.03 6.63
N CYS A 35 3.35 6.59 5.53
CA CYS A 35 2.28 5.96 4.76
C CYS A 35 2.81 4.70 4.05
N GLU A 36 2.39 3.54 4.54
CA GLU A 36 2.82 2.26 3.97
C GLU A 36 1.66 1.55 3.29
N CYS A 37 1.97 0.84 2.21
CA CYS A 37 0.96 0.10 1.46
C CYS A 37 0.88 -1.34 1.94
N LYS A 38 -0.27 -1.72 2.50
CA LYS A 38 -0.46 -3.08 3.00
C LYS A 38 -1.73 -3.70 2.40
N PRO A 39 -2.03 -4.93 2.74
CA PRO A 39 -3.24 -5.63 2.22
C PRO A 39 -4.54 -4.93 2.63
N ARG A 40 -5.59 -5.70 2.81
CA ARG A 40 -6.89 -5.14 3.20
C ARG A 40 -7.13 -5.36 4.69
N LEU A 41 -8.29 -4.91 5.17
CA LEU A 41 -8.63 -5.06 6.57
C LEU A 41 -8.42 -6.51 7.02
N ILE A 42 -9.24 -7.41 6.51
CA ILE A 42 -9.13 -8.82 6.85
C ILE A 42 -7.92 -9.45 6.18
N MET A 43 -7.37 -10.49 6.81
CA MET A 43 -6.21 -11.18 6.26
C MET A 43 -6.57 -11.89 4.97
N GLU A 44 -5.68 -11.82 3.99
CA GLU A 44 -5.91 -12.47 2.70
C GLU A 44 -5.97 -13.99 2.86
N GLY A 45 -5.35 -14.49 3.92
CA GLY A 45 -5.33 -15.92 4.18
C GLY A 45 -4.20 -16.29 5.14
N LEU A 46 -3.06 -15.62 4.98
CA LEU A 46 -1.91 -15.89 5.84
C LEU A 46 -1.83 -14.86 6.96
N GLY A 47 -1.18 -15.24 8.06
CA GLY A 47 -1.05 -14.34 9.20
C GLY A 47 0.05 -13.30 8.94
N LEU A 48 0.04 -12.72 7.75
CA LEU A 48 1.04 -11.72 7.39
C LEU A 48 0.55 -10.33 7.81
N ALA A 49 -0.73 -10.07 7.60
CA ALA A 49 -1.30 -8.77 7.95
C ALA A 49 -1.65 -8.72 9.44
N GLY A 1 5.94 -3.96 -17.70
CA GLY A 1 4.51 -4.29 -17.44
C GLY A 1 3.93 -3.34 -16.41
N LYS A 2 2.70 -3.59 -16.00
CA LYS A 2 2.04 -2.73 -15.01
C LYS A 2 2.16 -1.27 -15.40
N LYS A 3 1.18 -0.78 -16.15
CA LYS A 3 1.19 0.62 -16.58
C LYS A 3 0.14 1.42 -15.81
N LYS A 4 -0.49 0.77 -14.83
CA LYS A 4 -1.51 1.44 -14.02
C LYS A 4 -0.96 1.76 -12.64
N CYS A 5 -1.87 2.08 -11.71
CA CYS A 5 -1.46 2.41 -10.34
C CYS A 5 -0.16 3.21 -10.34
N ILE A 6 0.85 2.65 -9.69
CA ILE A 6 2.16 3.30 -9.62
C ILE A 6 3.18 2.57 -10.48
N ALA A 7 2.72 1.51 -11.15
CA ALA A 7 3.61 0.72 -12.00
C ALA A 7 4.46 -0.22 -11.16
N LYS A 8 5.28 0.34 -10.28
CA LYS A 8 6.14 -0.47 -9.42
C LYS A 8 5.30 -1.29 -8.45
N ASP A 9 5.94 -1.82 -7.41
CA ASP A 9 5.24 -2.63 -6.42
C ASP A 9 5.74 -2.30 -5.02
N TYR A 10 4.79 -2.10 -4.09
CA TYR A 10 5.16 -1.78 -2.71
C TYR A 10 6.11 -0.59 -2.68
N GLY A 11 6.50 -0.18 -1.48
CA GLY A 11 7.41 0.95 -1.31
C GLY A 11 6.68 2.16 -0.74
N ARG A 12 6.76 3.28 -1.46
CA ARG A 12 6.10 4.51 -1.01
C ARG A 12 4.77 4.68 -1.73
N CYS A 13 3.79 5.27 -1.03
CA CYS A 13 2.48 5.49 -1.62
C CYS A 13 1.87 6.79 -1.10
N LYS A 14 0.71 7.15 -1.62
CA LYS A 14 0.04 8.37 -1.20
C LYS A 14 -1.48 8.23 -1.37
N TRP A 15 -2.16 7.87 -0.28
CA TRP A 15 -3.60 7.70 -0.31
C TRP A 15 -4.27 8.85 -1.04
N GLY A 16 -3.57 9.98 -1.12
CA GLY A 16 -4.10 11.16 -1.81
C GLY A 16 -3.33 11.43 -3.10
N GLY A 17 -2.93 10.36 -3.78
CA GLY A 17 -2.19 10.50 -5.02
C GLY A 17 -1.62 9.16 -5.47
N THR A 18 -0.30 9.12 -5.69
CA THR A 18 0.36 7.89 -6.13
C THR A 18 -0.28 6.66 -5.49
N PRO A 19 -1.15 5.96 -6.19
CA PRO A 19 -1.83 4.75 -5.65
C PRO A 19 -0.84 3.70 -5.13
N CYS A 20 -1.18 2.42 -5.29
CA CYS A 20 -0.32 1.35 -4.83
C CYS A 20 -0.83 0.00 -5.32
N CYS A 21 -0.35 -0.41 -6.50
CA CYS A 21 -0.78 -1.68 -7.07
C CYS A 21 -0.74 -2.78 -6.00
N ARG A 22 0.46 -3.30 -5.74
CA ARG A 22 0.62 -4.35 -4.73
C ARG A 22 1.01 -3.74 -3.39
N GLY A 23 0.25 -4.09 -2.35
CA GLY A 23 0.52 -3.57 -1.02
C GLY A 23 -0.42 -2.41 -0.69
N ARG A 24 -1.64 -2.75 -0.26
CA ARG A 24 -2.62 -1.73 0.08
C ARG A 24 -2.44 -1.28 1.53
N GLY A 25 -1.32 -1.66 2.14
CA GLY A 25 -1.06 -1.29 3.51
C GLY A 25 -0.41 0.10 3.58
N CYS A 26 -1.01 1.06 2.89
CA CYS A 26 -0.48 2.42 2.88
C CYS A 26 -0.90 3.18 4.13
N ILE A 27 0.03 3.32 5.06
CA ILE A 27 -0.24 4.04 6.30
C ILE A 27 0.60 5.31 6.36
N CYS A 28 0.04 6.33 7.00
CA CYS A 28 0.73 7.61 7.14
C CYS A 28 0.74 8.07 8.59
N SER A 29 1.63 9.00 8.90
CA SER A 29 1.75 9.53 10.26
C SER A 29 0.49 10.32 10.63
N ILE A 30 0.33 10.60 11.91
CA ILE A 30 -0.82 11.35 12.38
C ILE A 30 -0.98 12.65 11.60
N MET A 31 0.15 13.18 11.11
CA MET A 31 0.13 14.42 10.35
C MET A 31 -0.21 14.15 8.90
N GLY A 32 0.34 13.07 8.35
CA GLY A 32 0.09 12.72 6.96
C GLY A 32 1.26 13.11 6.07
N THR A 33 2.42 12.51 6.32
CA THR A 33 3.62 12.80 5.55
C THR A 33 4.44 11.54 5.34
N ASN A 34 4.28 10.57 6.24
CA ASN A 34 5.03 9.32 6.15
C ASN A 34 4.16 8.24 5.51
N CYS A 35 3.63 8.53 4.33
CA CYS A 35 2.79 7.57 3.64
C CYS A 35 3.63 6.49 2.97
N GLU A 36 3.82 5.37 3.67
CA GLU A 36 4.62 4.27 3.13
C GLU A 36 3.72 3.08 2.79
N CYS A 37 4.00 2.45 1.65
CA CYS A 37 3.22 1.30 1.21
C CYS A 37 3.87 0.00 1.69
N LYS A 38 3.14 -0.75 2.50
CA LYS A 38 3.66 -2.02 3.01
C LYS A 38 2.66 -3.15 2.74
N PRO A 39 3.15 -4.36 2.58
CA PRO A 39 2.28 -5.55 2.33
C PRO A 39 1.37 -5.87 3.52
N ARG A 40 0.50 -6.85 3.35
CA ARG A 40 -0.41 -7.25 4.41
C ARG A 40 0.20 -8.35 5.26
N LEU A 41 -0.58 -9.39 5.54
CA LEU A 41 -0.10 -10.51 6.35
C LEU A 41 -0.49 -11.84 5.69
N ILE A 42 -0.23 -12.93 6.39
CA ILE A 42 -0.55 -14.25 5.88
C ILE A 42 -2.05 -14.40 5.67
N MET A 43 -2.81 -14.12 6.72
CA MET A 43 -4.27 -14.23 6.64
C MET A 43 -4.78 -13.54 5.38
N GLU A 44 -5.92 -14.03 4.88
CA GLU A 44 -6.51 -13.46 3.68
C GLU A 44 -7.47 -12.33 4.03
N GLY A 45 -7.74 -12.17 5.32
CA GLY A 45 -8.65 -11.13 5.78
C GLY A 45 -9.25 -11.49 7.13
N LEU A 46 -9.63 -12.75 7.29
CA LEU A 46 -10.23 -13.22 8.55
C LEU A 46 -9.18 -13.94 9.39
N GLY A 47 -9.57 -14.30 10.61
CA GLY A 47 -8.66 -14.99 11.51
C GLY A 47 -8.88 -16.50 11.46
N LEU A 48 -8.74 -17.07 10.27
CA LEU A 48 -8.93 -18.50 10.09
C LEU A 48 -7.74 -19.11 9.34
N ALA A 49 -7.24 -18.39 8.34
CA ALA A 49 -6.11 -18.86 7.55
C ALA A 49 -4.81 -18.68 8.34
N GLY A 1 1.19 -5.37 -19.37
CA GLY A 1 2.45 -4.73 -18.93
C GLY A 1 2.22 -3.99 -17.62
N LYS A 2 1.61 -2.81 -17.69
CA LYS A 2 1.33 -2.03 -16.50
C LYS A 2 2.61 -1.80 -15.71
N LYS A 3 3.71 -1.56 -16.41
CA LYS A 3 4.99 -1.32 -15.75
C LYS A 3 5.21 0.17 -15.53
N LYS A 4 4.29 0.79 -14.80
CA LYS A 4 4.39 2.21 -14.51
C LYS A 4 4.16 2.48 -13.03
N CYS A 5 3.26 3.41 -12.72
CA CYS A 5 2.94 3.75 -11.35
C CYS A 5 4.20 3.72 -10.47
N ILE A 6 4.19 2.85 -9.47
CA ILE A 6 5.34 2.72 -8.58
C ILE A 6 6.18 1.51 -8.96
N ALA A 7 5.62 0.64 -9.78
CA ALA A 7 6.31 -0.56 -10.21
C ALA A 7 6.43 -1.57 -9.05
N LYS A 8 7.00 -1.12 -7.94
CA LYS A 8 7.16 -2.00 -6.78
C LYS A 8 5.84 -2.65 -6.38
N ASP A 9 4.77 -2.26 -7.07
CA ASP A 9 3.45 -2.81 -6.79
C ASP A 9 3.00 -2.44 -5.37
N TYR A 10 3.58 -3.11 -4.38
CA TYR A 10 3.24 -2.85 -2.99
C TYR A 10 4.45 -2.31 -2.23
N GLY A 11 4.20 -1.64 -1.12
CA GLY A 11 5.28 -1.08 -0.32
C GLY A 11 4.96 0.35 0.12
N ARG A 12 6.01 1.13 0.38
CA ARG A 12 5.82 2.52 0.79
C ARG A 12 4.99 3.29 -0.23
N CYS A 13 3.82 3.77 0.20
CA CYS A 13 2.93 4.51 -0.68
C CYS A 13 2.71 5.92 -0.16
N LYS A 14 2.12 6.78 -0.98
CA LYS A 14 1.85 8.15 -0.59
C LYS A 14 0.50 8.61 -1.13
N TRP A 15 -0.53 8.51 -0.30
CA TRP A 15 -1.86 8.93 -0.71
C TRP A 15 -1.84 10.37 -1.20
N GLY A 16 -2.24 10.56 -2.46
CA GLY A 16 -2.26 11.89 -3.05
C GLY A 16 -0.99 12.14 -3.86
N GLY A 17 0.05 11.37 -3.57
CA GLY A 17 1.31 11.52 -4.28
C GLY A 17 1.49 10.41 -5.31
N THR A 18 1.68 9.18 -4.82
CA THR A 18 1.88 8.06 -5.72
C THR A 18 0.53 7.41 -6.08
N PRO A 19 0.36 6.92 -7.29
CA PRO A 19 -0.91 6.27 -7.72
C PRO A 19 -1.06 4.87 -7.15
N CYS A 20 0.06 4.29 -6.71
CA CYS A 20 0.04 2.94 -6.14
C CYS A 20 -0.73 1.99 -7.05
N CYS A 21 -0.03 1.38 -8.00
CA CYS A 21 -0.68 0.46 -8.93
C CYS A 21 -1.73 -0.39 -8.22
N ARG A 22 -1.30 -1.50 -7.63
CA ARG A 22 -2.21 -2.39 -6.92
C ARG A 22 -1.99 -2.31 -5.42
N GLY A 23 -2.91 -1.66 -4.72
CA GLY A 23 -2.78 -1.51 -3.27
C GLY A 23 -3.56 -0.29 -2.79
N ARG A 24 -4.88 -0.37 -2.82
CA ARG A 24 -5.72 0.73 -2.39
C ARG A 24 -5.83 0.74 -0.87
N GLY A 25 -5.09 -0.14 -0.21
CA GLY A 25 -5.14 -0.21 1.25
C GLY A 25 -3.89 0.43 1.86
N CYS A 26 -3.65 1.68 1.51
CA CYS A 26 -2.49 2.39 2.03
C CYS A 26 -2.79 2.98 3.40
N ILE A 27 -2.18 2.40 4.41
CA ILE A 27 -2.37 2.86 5.79
C ILE A 27 -1.12 3.54 6.31
N CYS A 28 -1.31 4.58 7.10
CA CYS A 28 -0.19 5.33 7.66
C CYS A 28 -0.29 5.40 9.18
N SER A 29 0.79 5.82 9.82
CA SER A 29 0.81 5.93 11.29
C SER A 29 -0.14 7.03 11.75
N ILE A 30 -0.22 7.20 13.07
CA ILE A 30 -1.09 8.22 13.64
C ILE A 30 -0.68 9.61 13.17
N MET A 31 0.61 9.78 12.88
CA MET A 31 1.12 11.06 12.42
C MET A 31 0.94 11.20 10.91
N GLY A 32 1.08 10.09 10.20
CA GLY A 32 0.93 10.11 8.75
C GLY A 32 2.29 10.11 8.06
N THR A 33 3.06 9.06 8.27
CA THR A 33 4.38 8.96 7.66
C THR A 33 4.67 7.52 7.24
N ASN A 34 4.25 6.57 8.07
CA ASN A 34 4.47 5.16 7.78
C ASN A 34 3.44 4.65 6.77
N CYS A 35 3.29 5.39 5.68
CA CYS A 35 2.34 5.01 4.64
C CYS A 35 2.85 3.79 3.86
N GLU A 36 2.04 2.74 3.83
CA GLU A 36 2.43 1.53 3.12
C GLU A 36 1.25 0.94 2.34
N CYS A 37 1.42 0.83 1.03
CA CYS A 37 0.37 0.29 0.18
C CYS A 37 0.20 -1.21 0.43
N LYS A 38 -0.96 -1.58 0.94
CA LYS A 38 -1.24 -2.99 1.23
C LYS A 38 -2.53 -3.44 0.54
N PRO A 39 -2.62 -4.70 0.18
CA PRO A 39 -3.84 -5.25 -0.50
C PRO A 39 -5.05 -5.30 0.43
N ARG A 40 -6.07 -6.04 0.03
CA ARG A 40 -7.28 -6.17 0.82
C ARG A 40 -6.93 -6.42 2.29
N LEU A 41 -7.94 -6.40 3.14
CA LEU A 41 -7.74 -6.63 4.57
C LEU A 41 -7.41 -8.10 4.82
N ILE A 42 -7.05 -8.82 3.78
CA ILE A 42 -6.72 -10.23 3.90
C ILE A 42 -5.72 -10.45 5.03
N MET A 43 -5.88 -11.54 5.76
CA MET A 43 -4.99 -11.86 6.87
C MET A 43 -3.88 -12.80 6.41
N GLU A 44 -2.64 -12.41 6.69
CA GLU A 44 -1.49 -13.23 6.30
C GLU A 44 -1.71 -14.69 6.71
N GLY A 45 -2.71 -14.91 7.56
CA GLY A 45 -3.01 -16.26 8.03
C GLY A 45 -4.30 -16.28 8.84
N LEU A 46 -4.25 -15.71 10.04
CA LEU A 46 -5.42 -15.66 10.91
C LEU A 46 -5.80 -14.21 11.22
N GLY A 47 -4.91 -13.48 11.87
CA GLY A 47 -5.17 -12.09 12.21
C GLY A 47 -3.90 -11.40 12.69
N LEU A 48 -2.80 -11.64 11.99
CA LEU A 48 -1.52 -11.04 12.35
C LEU A 48 -1.29 -9.76 11.56
N ALA A 49 -1.65 -9.79 10.28
CA ALA A 49 -1.48 -8.61 9.43
C ALA A 49 -1.96 -7.35 10.14
N GLY A 1 0.06 -10.11 -19.36
CA GLY A 1 -0.74 -8.99 -18.80
C GLY A 1 0.11 -8.20 -17.82
N LYS A 2 0.95 -7.30 -18.36
CA LYS A 2 1.82 -6.49 -17.53
C LYS A 2 1.00 -5.66 -16.56
N LYS A 3 1.51 -5.51 -15.34
CA LYS A 3 0.82 -4.73 -14.33
C LYS A 3 1.12 -3.24 -14.49
N LYS A 4 0.08 -2.41 -14.43
CA LYS A 4 0.24 -0.97 -14.58
C LYS A 4 0.73 -0.36 -13.26
N CYS A 5 -0.13 0.44 -12.62
CA CYS A 5 0.23 1.07 -11.35
C CYS A 5 1.69 1.50 -11.35
N ILE A 6 2.46 0.98 -10.39
CA ILE A 6 3.86 1.31 -10.28
C ILE A 6 4.70 0.05 -10.16
N ALA A 7 5.98 0.22 -9.86
CA ALA A 7 6.89 -0.91 -9.72
C ALA A 7 7.41 -1.01 -8.29
N LYS A 8 7.53 0.14 -7.64
CA LYS A 8 8.02 0.18 -6.26
C LYS A 8 7.37 -0.92 -5.43
N ASP A 9 6.06 -0.78 -5.22
CA ASP A 9 5.32 -1.76 -4.44
C ASP A 9 5.53 -1.54 -2.94
N TYR A 10 4.46 -1.22 -2.24
CA TYR A 10 4.55 -0.97 -0.81
C TYR A 10 5.60 0.09 -0.50
N GLY A 11 5.61 0.57 0.73
CA GLY A 11 6.59 1.58 1.13
C GLY A 11 5.96 2.97 1.13
N ARG A 12 6.60 3.91 0.44
CA ARG A 12 6.10 5.27 0.37
C ARG A 12 4.86 5.34 -0.53
N CYS A 13 3.89 6.15 -0.13
CA CYS A 13 2.67 6.29 -0.91
C CYS A 13 2.05 7.66 -0.68
N LYS A 14 1.20 8.08 -1.61
CA LYS A 14 0.55 9.38 -1.49
C LYS A 14 -0.72 9.40 -2.33
N TRP A 15 -1.85 9.69 -1.69
CA TRP A 15 -3.12 9.74 -2.40
C TRP A 15 -3.04 10.64 -3.62
N GLY A 16 -2.10 11.59 -3.58
CA GLY A 16 -1.90 12.52 -4.69
C GLY A 16 -0.57 12.27 -5.36
N GLY A 17 0.04 11.13 -5.06
CA GLY A 17 1.33 10.76 -5.64
C GLY A 17 1.27 9.38 -6.28
N THR A 18 2.05 8.45 -5.76
CA THR A 18 2.07 7.09 -6.30
C THR A 18 1.03 6.20 -5.59
N PRO A 19 0.35 5.33 -6.31
CA PRO A 19 -0.67 4.42 -5.71
C PRO A 19 -0.04 3.29 -4.91
N CYS A 20 1.13 2.85 -5.35
CA CYS A 20 1.84 1.77 -4.68
C CYS A 20 1.27 0.42 -5.09
N CYS A 21 0.71 0.36 -6.29
CA CYS A 21 0.12 -0.89 -6.80
C CYS A 21 -0.53 -1.70 -5.69
N ARG A 22 0.27 -2.51 -4.99
CA ARG A 22 -0.24 -3.34 -3.91
C ARG A 22 0.07 -2.67 -2.57
N GLY A 23 -0.96 -2.41 -1.78
CA GLY A 23 -0.80 -1.78 -0.49
C GLY A 23 -1.76 -0.61 -0.33
N ARG A 24 -3.01 -0.91 -0.01
CA ARG A 24 -4.02 0.12 0.15
C ARG A 24 -3.89 0.78 1.53
N GLY A 25 -2.90 0.33 2.30
CA GLY A 25 -2.68 0.89 3.63
C GLY A 25 -2.02 2.24 3.54
N CYS A 26 -2.38 3.01 2.52
CA CYS A 26 -1.82 4.35 2.34
C CYS A 26 -2.27 5.27 3.45
N ILE A 27 -1.58 5.21 4.58
CA ILE A 27 -1.90 6.05 5.73
C ILE A 27 -0.71 6.89 6.13
N CYS A 28 -0.98 8.04 6.75
CA CYS A 28 0.08 8.94 7.18
C CYS A 28 0.04 9.13 8.70
N SER A 29 1.11 9.69 9.24
CA SER A 29 1.20 9.92 10.67
C SER A 29 0.20 10.99 11.09
N ILE A 30 0.03 11.15 12.41
CA ILE A 30 -0.90 12.14 12.94
C ILE A 30 -0.62 13.52 12.35
N MET A 31 0.63 13.74 11.96
CA MET A 31 1.02 15.03 11.39
C MET A 31 0.63 15.11 9.92
N GLY A 32 0.76 13.99 9.22
CA GLY A 32 0.41 13.94 7.80
C GLY A 32 1.66 14.08 6.93
N THR A 33 2.61 13.16 7.11
CA THR A 33 3.84 13.18 6.34
C THR A 33 4.37 11.77 6.13
N ASN A 34 4.13 10.90 7.11
CA ASN A 34 4.59 9.52 7.02
C ASN A 34 3.63 8.70 6.17
N CYS A 35 3.32 9.20 4.98
CA CYS A 35 2.40 8.51 4.09
C CYS A 35 3.08 7.31 3.44
N GLU A 36 2.67 6.11 3.82
CA GLU A 36 3.25 4.90 3.27
C GLU A 36 2.17 3.85 2.99
N CYS A 37 2.41 3.02 1.97
CA CYS A 37 1.46 1.97 1.61
C CYS A 37 1.76 0.70 2.37
N LYS A 38 0.92 0.37 3.35
CA LYS A 38 1.13 -0.83 4.15
C LYS A 38 0.27 -1.98 3.61
N PRO A 39 0.73 -3.21 3.73
CA PRO A 39 -0.03 -4.39 3.25
C PRO A 39 -1.28 -4.67 4.09
N ARG A 40 -1.13 -5.51 5.11
CA ARG A 40 -2.23 -5.85 5.98
C ARG A 40 -3.46 -6.21 5.17
N LEU A 41 -3.73 -7.50 5.09
CA LEU A 41 -4.87 -7.99 4.34
C LEU A 41 -5.59 -9.10 5.10
N ILE A 42 -6.92 -9.01 5.15
CA ILE A 42 -7.71 -10.01 5.85
C ILE A 42 -7.28 -11.42 5.47
N MET A 43 -7.35 -12.34 6.42
CA MET A 43 -6.96 -13.72 6.17
C MET A 43 -8.03 -14.44 5.36
N GLU A 44 -7.61 -15.11 4.29
CA GLU A 44 -8.54 -15.84 3.44
C GLU A 44 -8.73 -17.27 3.94
N GLY A 45 -7.78 -17.73 4.75
CA GLY A 45 -7.85 -19.08 5.29
C GLY A 45 -6.52 -19.81 5.12
N LEU A 46 -5.73 -19.37 4.13
CA LEU A 46 -4.44 -19.97 3.86
C LEU A 46 -3.31 -18.98 4.14
N GLY A 47 -3.69 -17.76 4.51
CA GLY A 47 -2.69 -16.73 4.79
C GLY A 47 -2.11 -16.92 6.19
N LEU A 48 -2.96 -16.80 7.21
CA LEU A 48 -2.51 -16.96 8.59
C LEU A 48 -3.44 -17.91 9.33
N ALA A 49 -4.74 -17.78 9.09
CA ALA A 49 -5.72 -18.66 9.74
C ALA A 49 -5.24 -20.10 9.74
N GLY A 1 1.97 -4.88 -18.57
CA GLY A 1 1.13 -6.07 -18.25
C GLY A 1 0.54 -5.93 -16.85
N LYS A 2 1.31 -5.34 -15.95
CA LYS A 2 0.85 -5.14 -14.58
C LYS A 2 0.08 -3.83 -14.45
N LYS A 3 -0.34 -3.51 -13.23
CA LYS A 3 -1.09 -2.28 -12.99
C LYS A 3 -0.20 -1.07 -13.21
N LYS A 4 -0.82 0.07 -13.50
CA LYS A 4 -0.08 1.30 -13.73
C LYS A 4 0.35 1.92 -12.40
N CYS A 5 -0.64 2.36 -11.62
CA CYS A 5 -0.39 2.97 -10.33
C CYS A 5 0.91 3.77 -10.34
N ILE A 6 2.02 3.11 -10.02
CA ILE A 6 3.33 3.78 -10.02
C ILE A 6 4.35 2.92 -10.74
N ALA A 7 3.89 1.78 -11.26
CA ALA A 7 4.76 0.86 -11.97
C ALA A 7 5.53 -0.04 -11.01
N LYS A 8 6.36 0.57 -10.17
CA LYS A 8 7.15 -0.20 -9.21
C LYS A 8 6.23 -0.96 -8.27
N ASP A 9 6.60 -1.01 -6.99
CA ASP A 9 5.80 -1.71 -5.99
C ASP A 9 5.77 -0.92 -4.68
N TYR A 10 5.64 -1.65 -3.58
CA TYR A 10 5.59 -1.01 -2.27
C TYR A 10 6.61 0.12 -2.19
N GLY A 11 6.44 0.99 -1.19
CA GLY A 11 7.35 2.12 -1.02
C GLY A 11 6.59 3.38 -0.65
N ARG A 12 6.99 4.51 -1.24
CA ARG A 12 6.33 5.78 -0.96
C ARG A 12 5.05 5.91 -1.77
N CYS A 13 3.96 6.20 -1.07
CA CYS A 13 2.66 6.35 -1.73
C CYS A 13 1.94 7.60 -1.22
N LYS A 14 0.68 7.75 -1.63
CA LYS A 14 -0.11 8.90 -1.21
C LYS A 14 -1.60 8.60 -1.38
N TRP A 15 -2.32 8.56 -0.27
CA TRP A 15 -3.75 8.29 -0.30
C TRP A 15 -4.47 9.31 -1.18
N GLY A 16 -3.77 10.38 -1.53
CA GLY A 16 -4.34 11.42 -2.37
C GLY A 16 -3.37 11.85 -3.47
N GLY A 17 -2.55 10.89 -3.93
CA GLY A 17 -1.58 11.18 -4.97
C GLY A 17 -0.84 9.92 -5.40
N THR A 18 0.48 10.02 -5.50
CA THR A 18 1.30 8.88 -5.90
C THR A 18 0.79 7.59 -5.25
N PRO A 19 0.11 6.72 -5.98
CA PRO A 19 -0.42 5.45 -5.40
C PRO A 19 0.66 4.37 -5.27
N CYS A 20 0.22 3.13 -5.09
CA CYS A 20 1.16 2.02 -4.94
C CYS A 20 0.53 0.72 -5.39
N CYS A 21 0.93 0.24 -6.56
CA CYS A 21 0.40 -1.01 -7.10
C CYS A 21 0.20 -2.04 -5.99
N ARG A 22 1.29 -2.62 -5.52
CA ARG A 22 1.22 -3.62 -4.45
C ARG A 22 1.46 -2.96 -3.10
N GLY A 23 0.49 -3.08 -2.20
CA GLY A 23 0.59 -2.50 -0.87
C GLY A 23 -0.55 -1.53 -0.61
N ARG A 24 -1.62 -2.04 -0.01
CA ARG A 24 -2.77 -1.21 0.30
C ARG A 24 -2.62 -0.55 1.67
N GLY A 25 -1.60 -0.96 2.42
CA GLY A 25 -1.37 -0.39 3.74
C GLY A 25 -0.60 0.92 3.63
N CYS A 26 -1.23 1.93 3.06
CA CYS A 26 -0.59 3.24 2.91
C CYS A 26 -0.71 4.03 4.20
N ILE A 27 0.17 3.71 5.12
CA ILE A 27 0.19 4.40 6.41
C ILE A 27 0.91 5.73 6.26
N CYS A 28 0.37 6.74 6.91
CA CYS A 28 0.95 8.08 6.86
C CYS A 28 1.05 8.68 8.24
N SER A 29 1.64 9.86 8.33
CA SER A 29 1.80 10.54 9.61
C SER A 29 0.53 11.31 9.97
N ILE A 30 0.47 11.80 11.20
CA ILE A 30 -0.70 12.55 11.66
C ILE A 30 -1.00 13.69 10.71
N MET A 31 0.02 14.16 9.99
CA MET A 31 -0.16 15.26 9.06
C MET A 31 -0.47 14.73 7.66
N GLY A 32 0.13 13.60 7.30
CA GLY A 32 -0.10 13.00 6.00
C GLY A 32 1.06 13.30 5.06
N THR A 33 2.26 12.92 5.47
CA THR A 33 3.46 13.16 4.65
C THR A 33 4.29 11.89 4.55
N ASN A 34 4.29 11.09 5.62
CA ASN A 34 5.06 9.86 5.64
C ASN A 34 4.23 8.72 5.05
N CYS A 35 3.54 9.01 3.95
CA CYS A 35 2.71 8.00 3.30
C CYS A 35 3.58 6.92 2.66
N GLU A 36 3.40 5.67 3.09
CA GLU A 36 4.18 4.57 2.55
C GLU A 36 3.33 3.31 2.42
N CYS A 37 3.36 2.70 1.22
CA CYS A 37 2.61 1.49 0.96
C CYS A 37 3.34 0.28 1.52
N LYS A 38 2.63 -0.52 2.32
CA LYS A 38 3.23 -1.70 2.91
C LYS A 38 2.25 -2.88 2.85
N PRO A 39 2.74 -4.10 2.76
CA PRO A 39 1.87 -5.31 2.69
C PRO A 39 1.14 -5.57 4.00
N ARG A 40 0.53 -6.74 4.11
CA ARG A 40 -0.21 -7.10 5.31
C ARG A 40 -0.43 -8.61 5.38
N LEU A 41 -0.10 -9.20 6.52
CA LEU A 41 -0.27 -10.64 6.70
C LEU A 41 -1.42 -10.93 7.68
N ILE A 42 -2.56 -11.34 7.14
CA ILE A 42 -3.71 -11.64 7.97
C ILE A 42 -4.50 -12.81 7.38
N MET A 43 -5.68 -13.06 7.95
CA MET A 43 -6.53 -14.15 7.48
C MET A 43 -7.94 -13.65 7.19
N GLU A 44 -8.54 -14.17 6.12
CA GLU A 44 -9.90 -13.76 5.76
C GLU A 44 -10.91 -14.27 6.77
N GLY A 45 -10.47 -15.16 7.65
CA GLY A 45 -11.34 -15.73 8.66
C GLY A 45 -11.14 -17.23 8.79
N LEU A 46 -10.59 -17.84 7.75
CA LEU A 46 -10.35 -19.27 7.75
C LEU A 46 -9.43 -19.66 8.91
N GLY A 47 -8.23 -20.12 8.58
CA GLY A 47 -7.27 -20.52 9.59
C GLY A 47 -5.97 -20.99 8.97
N LEU A 48 -5.63 -20.42 7.82
CA LEU A 48 -4.40 -20.79 7.12
C LEU A 48 -3.82 -19.60 6.37
N ALA A 49 -4.69 -18.82 5.74
CA ALA A 49 -4.25 -17.64 5.00
C ALA A 49 -3.76 -16.56 5.95
N GLY A 1 -2.00 -4.17 -16.35
CA GLY A 1 -1.95 -2.69 -16.53
C GLY A 1 -1.35 -2.03 -15.30
N LYS A 2 -2.09 -1.11 -14.70
CA LYS A 2 -1.61 -0.42 -13.51
C LYS A 2 -0.27 0.25 -13.78
N LYS A 3 -0.26 1.17 -14.75
CA LYS A 3 0.98 1.86 -15.09
C LYS A 3 0.99 3.26 -14.47
N LYS A 4 -0.08 3.61 -13.78
CA LYS A 4 -0.18 4.91 -13.13
C LYS A 4 0.33 4.84 -11.70
N CYS A 5 -0.02 3.75 -11.02
CA CYS A 5 0.41 3.57 -9.64
C CYS A 5 1.92 3.70 -9.52
N ILE A 6 2.44 3.40 -8.34
CA ILE A 6 3.88 3.47 -8.12
C ILE A 6 4.62 2.71 -9.21
N ALA A 7 5.94 2.69 -9.08
CA ALA A 7 6.78 2.02 -10.06
C ALA A 7 6.10 0.75 -10.59
N LYS A 8 6.32 -0.38 -9.92
CA LYS A 8 5.74 -1.63 -10.31
C LYS A 8 6.09 -2.73 -9.31
N ASP A 9 5.46 -2.67 -8.14
CA ASP A 9 5.70 -3.66 -7.08
C ASP A 9 5.22 -3.12 -5.71
N TYR A 10 6.16 -2.81 -4.83
CA TYR A 10 5.83 -2.30 -3.50
C TYR A 10 6.83 -1.23 -3.07
N GLY A 11 6.87 -0.95 -1.78
CA GLY A 11 7.79 0.06 -1.25
C GLY A 11 7.03 1.20 -0.59
N ARG A 12 7.22 2.41 -1.11
CA ARG A 12 6.56 3.58 -0.56
C ARG A 12 5.21 3.80 -1.25
N CYS A 13 4.27 4.40 -0.53
CA CYS A 13 2.95 4.66 -1.08
C CYS A 13 2.63 6.15 -0.99
N LYS A 14 1.44 6.52 -1.45
CA LYS A 14 1.02 7.91 -1.43
C LYS A 14 -0.49 8.01 -1.55
N TRP A 15 -1.17 8.04 -0.40
CA TRP A 15 -2.62 8.13 -0.39
C TRP A 15 -3.09 9.26 -1.29
N GLY A 16 -3.05 10.47 -0.76
CA GLY A 16 -3.47 11.65 -1.51
C GLY A 16 -2.78 11.69 -2.88
N GLY A 17 -1.73 10.88 -3.03
CA GLY A 17 -0.99 10.84 -4.28
C GLY A 17 -1.50 9.71 -5.18
N THR A 18 -0.57 8.96 -5.75
CA THR A 18 -0.93 7.84 -6.63
C THR A 18 -1.10 6.55 -5.82
N PRO A 19 -1.92 5.64 -6.29
CA PRO A 19 -2.16 4.35 -5.58
C PRO A 19 -0.97 3.39 -5.69
N CYS A 20 -1.10 2.23 -5.05
CA CYS A 20 -0.03 1.23 -5.10
C CYS A 20 -0.40 0.11 -6.07
N CYS A 21 0.51 -0.18 -7.00
CA CYS A 21 0.27 -1.21 -7.98
C CYS A 21 -0.17 -2.51 -7.31
N ARG A 22 0.78 -3.43 -7.09
CA ARG A 22 0.46 -4.71 -6.46
C ARG A 22 0.44 -4.55 -4.94
N GLY A 23 0.19 -3.34 -4.48
CA GLY A 23 0.15 -3.07 -3.05
C GLY A 23 -1.16 -2.40 -2.67
N ARG A 24 -1.59 -2.63 -1.44
CA ARG A 24 -2.83 -2.04 -0.95
C ARG A 24 -2.72 -1.70 0.53
N GLY A 25 -1.69 -2.22 1.19
CA GLY A 25 -1.49 -1.94 2.60
C GLY A 25 -0.76 -0.62 2.79
N CYS A 26 -1.23 0.41 2.09
CA CYS A 26 -0.62 1.73 2.19
C CYS A 26 -1.02 2.42 3.48
N ILE A 27 -0.08 2.48 4.42
CA ILE A 27 -0.34 3.12 5.70
C ILE A 27 0.61 4.28 5.91
N CYS A 28 0.13 5.32 6.57
CA CYS A 28 0.93 6.51 6.84
C CYS A 28 0.83 6.93 8.29
N SER A 29 1.50 8.02 8.64
CA SER A 29 1.47 8.52 10.01
C SER A 29 0.23 9.37 10.25
N ILE A 30 -0.02 9.69 11.51
CA ILE A 30 -1.18 10.51 11.87
C ILE A 30 -1.22 11.77 11.00
N MET A 31 -0.06 12.19 10.50
CA MET A 31 0.01 13.38 9.66
C MET A 31 -0.23 13.02 8.21
N GLY A 32 0.45 11.97 7.74
CA GLY A 32 0.29 11.53 6.36
C GLY A 32 1.49 11.94 5.51
N THR A 33 2.68 11.52 5.93
CA THR A 33 3.90 11.86 5.21
C THR A 33 4.80 10.64 5.09
N ASN A 34 4.65 9.70 6.01
CA ASN A 34 5.45 8.49 6.00
C ASN A 34 4.65 7.33 5.43
N CYS A 35 4.05 7.54 4.27
CA CYS A 35 3.25 6.50 3.63
C CYS A 35 4.13 5.35 3.15
N GLU A 36 3.83 4.14 3.64
CA GLU A 36 4.61 2.97 3.26
C GLU A 36 3.72 1.93 2.57
N CYS A 37 4.15 1.47 1.40
CA CYS A 37 3.39 0.47 0.65
C CYS A 37 3.74 -0.93 1.13
N LYS A 38 2.91 -1.47 2.02
CA LYS A 38 3.15 -2.81 2.56
C LYS A 38 2.13 -3.80 1.99
N PRO A 39 2.52 -5.05 1.80
CA PRO A 39 1.61 -6.10 1.26
C PRO A 39 0.52 -6.48 2.26
N ARG A 40 -0.18 -7.58 1.97
CA ARG A 40 -1.24 -8.05 2.84
C ARG A 40 -0.69 -8.43 4.21
N LEU A 41 -1.52 -8.31 5.24
CA LEU A 41 -1.10 -8.64 6.59
C LEU A 41 -1.31 -10.12 6.87
N ILE A 42 -0.96 -10.54 8.09
CA ILE A 42 -1.11 -11.94 8.48
C ILE A 42 -2.58 -12.26 8.78
N MET A 43 -3.00 -13.47 8.44
CA MET A 43 -4.37 -13.88 8.68
C MET A 43 -4.56 -14.31 10.13
N GLU A 44 -5.19 -13.46 10.92
CA GLU A 44 -5.43 -13.76 12.33
C GLU A 44 -6.75 -14.49 12.51
N GLY A 45 -7.69 -14.24 11.60
CA GLY A 45 -9.00 -14.89 11.66
C GLY A 45 -8.96 -16.25 10.99
N LEU A 46 -9.44 -16.31 9.75
CA LEU A 46 -9.46 -17.56 8.99
C LEU A 46 -8.54 -17.46 7.78
N GLY A 47 -8.92 -16.62 6.82
CA GLY A 47 -8.12 -16.45 5.61
C GLY A 47 -8.65 -15.31 4.76
N LEU A 48 -9.10 -14.24 5.41
CA LEU A 48 -9.62 -13.08 4.70
C LEU A 48 -8.55 -12.01 4.54
N ALA A 49 -7.76 -11.81 5.59
CA ALA A 49 -6.69 -10.82 5.55
C ALA A 49 -5.43 -11.41 4.94
N GLY A 1 -1.08 -4.81 -18.01
CA GLY A 1 -1.36 -3.70 -17.04
C GLY A 1 -0.38 -3.78 -15.88
N LYS A 2 -0.88 -3.53 -14.68
CA LYS A 2 -0.03 -3.58 -13.49
C LYS A 2 1.05 -2.50 -13.57
N LYS A 3 1.04 -1.71 -14.64
CA LYS A 3 2.03 -0.66 -14.82
C LYS A 3 1.49 0.67 -14.33
N LYS A 4 0.22 0.69 -13.94
CA LYS A 4 -0.41 1.90 -13.45
C LYS A 4 -0.02 2.17 -12.00
N CYS A 5 -0.26 1.18 -11.14
CA CYS A 5 0.08 1.31 -9.73
C CYS A 5 1.50 1.84 -9.58
N ILE A 6 1.89 2.12 -8.35
CA ILE A 6 3.22 2.64 -8.06
C ILE A 6 4.30 1.73 -8.65
N ALA A 7 3.98 0.45 -8.82
CA ALA A 7 4.93 -0.49 -9.39
C ALA A 7 6.14 -0.73 -8.47
N LYS A 8 6.58 0.32 -7.80
CA LYS A 8 7.73 0.23 -6.91
C LYS A 8 7.35 -0.54 -5.62
N ASP A 9 6.23 -1.24 -5.69
CA ASP A 9 5.74 -2.04 -4.58
C ASP A 9 5.88 -1.31 -3.25
N TYR A 10 6.78 -1.80 -2.41
CA TYR A 10 6.99 -1.22 -1.10
C TYR A 10 7.79 0.07 -1.21
N GLY A 11 7.26 1.14 -0.64
CA GLY A 11 7.94 2.44 -0.69
C GLY A 11 6.95 3.58 -0.46
N ARG A 12 6.47 4.17 -1.55
CA ARG A 12 5.52 5.28 -1.45
C ARG A 12 4.14 4.86 -1.94
N CYS A 13 3.10 5.42 -1.33
CA CYS A 13 1.73 5.09 -1.71
C CYS A 13 0.77 6.19 -1.29
N LYS A 14 -0.24 6.46 -2.11
CA LYS A 14 -1.21 7.49 -1.79
C LYS A 14 -2.62 7.03 -2.10
N TRP A 15 -3.49 7.11 -1.10
CA TRP A 15 -4.88 6.70 -1.27
C TRP A 15 -5.63 7.69 -2.15
N GLY A 16 -5.19 8.93 -2.12
CA GLY A 16 -5.83 9.97 -2.93
C GLY A 16 -5.07 10.20 -4.22
N GLY A 17 -3.91 9.54 -4.34
CA GLY A 17 -3.08 9.67 -5.54
C GLY A 17 -3.03 8.35 -6.29
N THR A 18 -1.83 7.76 -6.37
CA THR A 18 -1.66 6.49 -7.07
C THR A 18 -1.86 5.32 -6.10
N PRO A 19 -2.48 4.24 -6.55
CA PRO A 19 -2.70 3.04 -5.69
C PRO A 19 -1.42 2.24 -5.43
N CYS A 20 -1.50 1.33 -4.47
CA CYS A 20 -0.35 0.50 -4.12
C CYS A 20 -0.49 -0.91 -4.69
N CYS A 21 0.29 -1.21 -5.72
CA CYS A 21 0.23 -2.53 -6.34
C CYS A 21 0.41 -3.61 -5.29
N ARG A 22 1.63 -3.76 -4.79
CA ARG A 22 1.93 -4.77 -3.78
C ARG A 22 1.98 -4.14 -2.39
N GLY A 23 1.14 -4.64 -1.49
CA GLY A 23 1.10 -4.12 -0.12
C GLY A 23 0.24 -2.86 -0.06
N ARG A 24 -0.92 -2.98 0.58
CA ARG A 24 -1.83 -1.86 0.71
C ARG A 24 -1.76 -1.26 2.11
N GLY A 25 -0.67 -1.55 2.82
CA GLY A 25 -0.50 -1.03 4.17
C GLY A 25 0.04 0.39 4.14
N CYS A 26 -0.65 1.26 3.40
CA CYS A 26 -0.23 2.66 3.29
C CYS A 26 -0.54 3.41 4.58
N ILE A 27 0.52 3.82 5.27
CA ILE A 27 0.37 4.56 6.51
C ILE A 27 1.15 5.86 6.45
N CYS A 28 0.65 6.88 7.13
CA CYS A 28 1.30 8.18 7.14
C CYS A 28 1.54 8.64 8.58
N SER A 29 2.34 9.68 8.71
CA SER A 29 2.64 10.23 10.04
C SER A 29 1.48 11.07 10.56
N ILE A 30 1.41 11.21 11.88
CA ILE A 30 0.35 11.99 12.50
C ILE A 30 0.07 13.27 11.71
N MET A 31 1.09 13.73 10.97
CA MET A 31 0.94 14.94 10.18
C MET A 31 0.39 14.62 8.79
N GLY A 32 1.02 13.66 8.11
CA GLY A 32 0.59 13.27 6.78
C GLY A 32 1.60 13.70 5.73
N THR A 33 2.81 13.15 5.81
CA THR A 33 3.85 13.48 4.85
C THR A 33 4.71 12.26 4.56
N ASN A 34 4.63 11.27 5.45
CA ASN A 34 5.41 10.04 5.30
C ASN A 34 4.49 8.89 4.89
N CYS A 35 3.68 9.11 3.85
CA CYS A 35 2.76 8.09 3.38
C CYS A 35 3.53 6.99 2.66
N GLU A 36 4.02 6.01 3.42
CA GLU A 36 4.78 4.91 2.83
C GLU A 36 3.93 3.65 2.71
N CYS A 37 4.27 2.81 1.73
CA CYS A 37 3.54 1.56 1.53
C CYS A 37 4.29 0.39 2.15
N LYS A 38 3.64 -0.29 3.09
CA LYS A 38 4.25 -1.42 3.76
C LYS A 38 3.31 -2.63 3.73
N PRO A 39 3.83 -3.82 3.92
CA PRO A 39 2.99 -5.07 3.92
C PRO A 39 1.73 -4.91 4.77
N ARG A 40 0.95 -5.98 4.85
CA ARG A 40 -0.27 -5.96 5.64
C ARG A 40 -0.40 -7.23 6.47
N LEU A 41 -1.51 -7.38 7.17
CA LEU A 41 -1.74 -8.55 7.99
C LEU A 41 -1.85 -9.80 7.14
N ILE A 42 -1.79 -10.96 7.78
CA ILE A 42 -1.88 -12.23 7.07
C ILE A 42 -3.12 -12.26 6.18
N MET A 43 -3.41 -13.43 5.62
CA MET A 43 -4.57 -13.58 4.75
C MET A 43 -5.26 -14.91 5.01
N GLU A 44 -4.54 -15.84 5.62
CA GLU A 44 -5.09 -17.16 5.92
C GLU A 44 -5.98 -17.09 7.16
N GLY A 45 -6.65 -15.95 7.35
CA GLY A 45 -7.52 -15.77 8.50
C GLY A 45 -8.73 -14.92 8.13
N LEU A 46 -8.49 -13.83 7.42
CA LEU A 46 -9.57 -12.93 7.01
C LEU A 46 -10.62 -13.69 6.22
N GLY A 47 -10.22 -14.81 5.62
CA GLY A 47 -11.13 -15.61 4.82
C GLY A 47 -10.97 -15.34 3.34
N LEU A 48 -9.78 -14.88 2.95
CA LEU A 48 -9.51 -14.58 1.55
C LEU A 48 -8.99 -15.83 0.83
N ALA A 49 -8.11 -16.56 1.49
CA ALA A 49 -7.55 -17.77 0.91
C ALA A 49 -8.65 -18.81 0.66
N GLY A 1 7.53 -4.97 -16.94
CA GLY A 1 6.31 -4.14 -16.78
C GLY A 1 5.47 -4.69 -15.63
N LYS A 2 4.46 -3.94 -15.22
CA LYS A 2 3.59 -4.37 -14.13
C LYS A 2 2.38 -3.44 -14.01
N LYS A 3 1.31 -3.79 -14.71
CA LYS A 3 0.09 -2.98 -14.68
C LYS A 3 0.43 -1.51 -14.84
N LYS A 4 -0.50 -0.64 -14.44
CA LYS A 4 -0.29 0.79 -14.54
C LYS A 4 -0.05 1.39 -13.16
N CYS A 5 -0.79 0.92 -12.17
CA CYS A 5 -0.63 1.41 -10.81
C CYS A 5 0.83 1.50 -10.43
N ILE A 6 1.30 0.50 -9.70
CA ILE A 6 2.68 0.46 -9.25
C ILE A 6 3.24 -0.95 -9.37
N ALA A 7 4.45 -1.16 -8.84
CA ALA A 7 5.08 -2.46 -8.89
C ALA A 7 5.72 -2.81 -7.55
N LYS A 8 6.17 -1.79 -6.83
CA LYS A 8 6.79 -1.98 -5.53
C LYS A 8 5.91 -2.85 -4.65
N ASP A 9 4.61 -2.58 -4.67
CA ASP A 9 3.65 -3.34 -3.87
C ASP A 9 4.00 -3.23 -2.39
N TYR A 10 3.03 -2.80 -1.58
CA TYR A 10 3.25 -2.66 -0.15
C TYR A 10 4.44 -1.74 0.13
N GLY A 11 4.51 -1.23 1.35
CA GLY A 11 5.61 -0.34 1.72
C GLY A 11 5.28 1.12 1.43
N ARG A 12 6.30 1.92 1.18
CA ARG A 12 6.11 3.33 0.89
C ARG A 12 4.92 3.54 -0.05
N CYS A 13 3.98 4.37 0.37
CA CYS A 13 2.81 4.65 -0.44
C CYS A 13 2.22 6.01 -0.10
N LYS A 14 1.59 6.65 -1.08
CA LYS A 14 1.00 7.97 -0.85
C LYS A 14 -0.13 8.22 -1.85
N TRP A 15 -1.37 8.11 -1.39
CA TRP A 15 -2.52 8.32 -2.25
C TRP A 15 -2.30 9.54 -3.14
N GLY A 16 -2.97 9.56 -4.28
CA GLY A 16 -2.84 10.66 -5.22
C GLY A 16 -1.47 10.65 -5.90
N GLY A 17 -0.42 10.49 -5.09
CA GLY A 17 0.95 10.47 -5.61
C GLY A 17 1.32 9.07 -6.07
N THR A 18 1.90 8.27 -5.17
CA THR A 18 2.30 6.91 -5.52
C THR A 18 1.16 5.92 -5.25
N PRO A 19 0.58 5.31 -6.27
CA PRO A 19 -0.53 4.31 -6.09
C PRO A 19 -0.18 3.23 -5.08
N CYS A 20 -0.93 2.12 -5.13
CA CYS A 20 -0.70 1.01 -4.22
C CYS A 20 -1.54 -0.19 -4.61
N CYS A 21 -1.31 -0.70 -5.83
CA CYS A 21 -2.06 -1.84 -6.33
C CYS A 21 -2.31 -2.86 -5.21
N ARG A 22 -1.28 -3.09 -4.40
CA ARG A 22 -1.39 -4.04 -3.29
C ARG A 22 -1.12 -3.33 -1.97
N GLY A 23 -2.19 -2.98 -1.26
CA GLY A 23 -2.06 -2.30 0.03
C GLY A 23 -2.95 -1.08 0.09
N ARG A 24 -4.17 -1.26 0.60
CA ARG A 24 -5.12 -0.15 0.71
C ARG A 24 -4.89 0.61 2.01
N GLY A 25 -4.10 0.02 2.90
CA GLY A 25 -3.81 0.66 4.19
C GLY A 25 -2.80 1.79 4.03
N CYS A 26 -2.97 2.58 2.97
CA CYS A 26 -2.07 3.71 2.71
C CYS A 26 -2.46 4.91 3.55
N ILE A 27 -1.63 5.22 4.54
CA ILE A 27 -1.89 6.35 5.41
C ILE A 27 -0.59 6.99 5.84
N CYS A 28 -0.64 8.30 6.12
CA CYS A 28 0.54 9.05 6.54
C CYS A 28 0.26 9.84 7.81
N SER A 29 1.28 10.52 8.30
CA SER A 29 1.14 11.32 9.51
C SER A 29 0.53 12.67 9.18
N ILE A 30 0.07 13.39 10.20
CA ILE A 30 -0.54 14.70 9.99
C ILE A 30 0.38 15.58 9.16
N MET A 31 1.68 15.31 9.21
CA MET A 31 2.65 16.10 8.46
C MET A 31 2.79 15.56 7.04
N GLY A 32 2.59 14.26 6.89
CA GLY A 32 2.69 13.62 5.58
C GLY A 32 4.13 13.23 5.28
N THR A 33 4.68 12.34 6.10
CA THR A 33 6.06 11.88 5.91
C THR A 33 6.17 10.38 6.09
N ASN A 34 5.40 9.85 7.03
CA ASN A 34 5.41 8.42 7.29
C ASN A 34 4.31 7.72 6.51
N CYS A 35 4.30 7.94 5.19
CA CYS A 35 3.27 7.33 4.35
C CYS A 35 3.69 5.93 3.93
N GLU A 36 2.94 4.93 4.39
CA GLU A 36 3.24 3.55 4.06
C GLU A 36 1.96 2.77 3.74
N CYS A 37 2.11 1.72 2.93
CA CYS A 37 0.97 0.90 2.56
C CYS A 37 0.92 -0.36 3.42
N LYS A 38 -0.09 -0.43 4.28
CA LYS A 38 -0.24 -1.56 5.18
C LYS A 38 -1.32 -2.52 4.65
N PRO A 39 -1.18 -3.81 4.88
CA PRO A 39 -2.19 -4.82 4.42
C PRO A 39 -3.52 -4.69 5.15
N ARG A 40 -4.37 -5.69 4.99
CA ARG A 40 -5.68 -5.68 5.63
C ARG A 40 -5.55 -6.06 7.11
N LEU A 41 -6.68 -6.33 7.75
CA LEU A 41 -6.68 -6.72 9.15
C LEU A 41 -6.41 -8.22 9.31
N ILE A 42 -7.11 -9.03 8.53
CA ILE A 42 -6.94 -10.48 8.58
C ILE A 42 -6.44 -11.00 7.24
N MET A 43 -5.80 -12.17 7.27
CA MET A 43 -5.29 -12.77 6.05
C MET A 43 -6.30 -13.74 5.45
N GLU A 44 -6.40 -13.74 4.12
CA GLU A 44 -7.34 -14.62 3.44
C GLU A 44 -6.71 -15.98 3.19
N GLY A 45 -7.37 -17.03 3.66
CA GLY A 45 -6.87 -18.39 3.48
C GLY A 45 -5.57 -18.60 4.25
N LEU A 46 -5.25 -17.65 5.12
CA LEU A 46 -4.03 -17.74 5.92
C LEU A 46 -2.86 -18.21 5.06
N GLY A 47 -2.06 -17.25 4.58
CA GLY A 47 -0.91 -17.57 3.74
C GLY A 47 -1.13 -17.10 2.32
N LEU A 48 -1.46 -15.83 2.16
CA LEU A 48 -1.70 -15.25 0.84
C LEU A 48 -1.53 -13.74 0.87
N ALA A 49 -2.01 -13.11 1.94
CA ALA A 49 -1.90 -11.66 2.08
C ALA A 49 -0.57 -11.29 2.73
N GLY A 1 7.11 -2.99 -11.12
CA GLY A 1 8.05 -3.23 -12.26
C GLY A 1 7.26 -3.33 -13.55
N LYS A 2 5.94 -3.18 -13.45
CA LYS A 2 5.07 -3.25 -14.63
C LYS A 2 4.10 -2.09 -14.65
N LYS A 3 3.39 -1.92 -15.76
CA LYS A 3 2.43 -0.85 -15.90
C LYS A 3 3.08 0.50 -15.61
N LYS A 4 2.29 1.57 -15.69
CA LYS A 4 2.80 2.91 -15.45
C LYS A 4 2.74 3.23 -13.96
N CYS A 5 1.78 4.07 -13.57
CA CYS A 5 1.63 4.46 -12.18
C CYS A 5 2.99 4.64 -11.51
N ILE A 6 3.25 3.83 -10.49
CA ILE A 6 4.52 3.90 -9.77
C ILE A 6 5.39 2.71 -10.12
N ALA A 7 4.84 1.79 -10.91
CA ALA A 7 5.60 0.60 -11.31
C ALA A 7 5.74 -0.37 -10.14
N LYS A 8 6.29 0.12 -9.04
CA LYS A 8 6.47 -0.73 -7.85
C LYS A 8 5.19 -1.47 -7.52
N ASP A 9 4.08 -1.04 -8.11
CA ASP A 9 2.80 -1.68 -7.87
C ASP A 9 2.44 -1.60 -6.39
N TYR A 10 3.08 -2.45 -5.59
CA TYR A 10 2.83 -2.48 -4.15
C TYR A 10 4.02 -1.91 -3.39
N GLY A 11 3.80 -1.57 -2.12
CA GLY A 11 4.87 -1.03 -1.28
C GLY A 11 4.64 0.45 -1.01
N ARG A 12 5.72 1.17 -0.71
CA ARG A 12 5.61 2.60 -0.41
C ARG A 12 4.62 3.27 -1.35
N CYS A 13 3.70 4.05 -0.78
CA CYS A 13 2.69 4.75 -1.57
C CYS A 13 2.16 5.95 -0.82
N LYS A 14 1.25 6.68 -1.45
CA LYS A 14 0.65 7.86 -0.83
C LYS A 14 -0.66 8.22 -1.51
N TRP A 15 -1.76 8.13 -0.78
CA TRP A 15 -3.07 8.46 -1.32
C TRP A 15 -3.09 9.88 -1.87
N GLY A 16 -2.45 10.78 -1.14
CA GLY A 16 -2.40 12.18 -1.55
C GLY A 16 -1.08 12.51 -2.25
N GLY A 17 -0.50 11.50 -2.89
CA GLY A 17 0.76 11.69 -3.61
C GLY A 17 0.82 10.80 -4.85
N THR A 18 1.13 9.52 -4.63
CA THR A 18 1.22 8.59 -5.74
C THR A 18 -0.13 7.92 -6.02
N PRO A 19 -0.41 7.59 -7.26
CA PRO A 19 -1.69 6.92 -7.65
C PRO A 19 -1.74 5.46 -7.20
N CYS A 20 -0.58 4.83 -7.18
CA CYS A 20 -0.49 3.43 -6.78
C CYS A 20 -1.37 2.57 -7.68
N CYS A 21 -0.80 2.13 -8.79
CA CYS A 21 -1.54 1.29 -9.75
C CYS A 21 -2.47 0.32 -9.01
N ARG A 22 -1.89 -0.73 -8.45
CA ARG A 22 -2.67 -1.73 -7.73
C ARG A 22 -2.57 -1.49 -6.22
N GLY A 23 -3.32 -2.27 -5.45
CA GLY A 23 -3.30 -2.13 -3.99
C GLY A 23 -3.51 -0.68 -3.59
N ARG A 24 -4.76 -0.22 -3.70
CA ARG A 24 -5.08 1.16 -3.33
C ARG A 24 -5.24 1.28 -1.82
N GLY A 25 -4.83 0.23 -1.10
CA GLY A 25 -4.93 0.26 0.35
C GLY A 25 -3.74 0.98 0.97
N CYS A 26 -3.44 2.17 0.47
CA CYS A 26 -2.32 2.95 0.98
C CYS A 26 -2.61 3.43 2.39
N ILE A 27 -2.22 2.63 3.37
CA ILE A 27 -2.44 2.98 4.77
C ILE A 27 -1.15 3.45 5.41
N CYS A 28 -1.27 4.38 6.35
CA CYS A 28 -0.10 4.92 7.04
C CYS A 28 -0.27 4.81 8.55
N SER A 29 0.83 4.96 9.28
CA SER A 29 0.80 4.88 10.73
C SER A 29 0.15 6.12 11.33
N ILE A 30 -0.17 6.06 12.61
CA ILE A 30 -0.81 7.18 13.29
C ILE A 30 -0.02 8.45 13.05
N MET A 31 1.29 8.31 12.85
CA MET A 31 2.15 9.46 12.63
C MET A 31 2.05 9.94 11.18
N GLY A 32 1.85 8.99 10.28
CA GLY A 32 1.74 9.32 8.86
C GLY A 32 3.11 9.37 8.20
N THR A 33 3.78 8.22 8.15
CA THR A 33 5.11 8.13 7.54
C THR A 33 5.34 6.75 6.94
N ASN A 34 4.70 5.74 7.51
CA ASN A 34 4.85 4.38 7.03
C ASN A 34 3.75 4.05 6.03
N CYS A 35 3.61 4.87 5.01
CA CYS A 35 2.58 4.66 4.00
C CYS A 35 2.98 3.51 3.06
N GLU A 36 2.15 2.47 3.02
CA GLU A 36 2.43 1.32 2.16
C GLU A 36 1.17 0.89 1.42
N CYS A 37 1.33 0.55 0.15
CA CYS A 37 0.20 0.11 -0.68
C CYS A 37 -0.05 -1.36 -0.47
N LYS A 38 -1.11 -1.68 0.27
CA LYS A 38 -1.47 -3.06 0.54
C LYS A 38 -2.75 -3.45 -0.21
N PRO A 39 -2.88 -4.70 -0.59
CA PRO A 39 -4.10 -5.21 -1.29
C PRO A 39 -5.34 -5.17 -0.41
N ARG A 40 -5.53 -6.22 0.39
CA ARG A 40 -6.68 -6.30 1.28
C ARG A 40 -6.23 -6.62 2.70
N LEU A 41 -6.72 -7.72 3.24
CA LEU A 41 -6.36 -8.12 4.60
C LEU A 41 -5.04 -8.89 4.61
N ILE A 42 -4.10 -8.44 5.43
CA ILE A 42 -2.81 -9.09 5.52
C ILE A 42 -2.88 -10.30 6.45
N MET A 43 -3.57 -10.13 7.58
CA MET A 43 -3.71 -11.21 8.56
C MET A 43 -4.58 -12.33 7.99
N GLU A 44 -3.93 -13.38 7.50
CA GLU A 44 -4.65 -14.51 6.93
C GLU A 44 -5.10 -15.47 8.03
N GLY A 45 -4.39 -15.44 9.16
CA GLY A 45 -4.72 -16.31 10.28
C GLY A 45 -5.88 -15.73 11.09
N LEU A 46 -5.54 -15.13 12.24
CA LEU A 46 -6.56 -14.54 13.10
C LEU A 46 -6.34 -13.03 13.21
N GLY A 47 -5.14 -12.63 13.59
CA GLY A 47 -4.82 -11.22 13.74
C GLY A 47 -3.35 -11.02 14.09
N LEU A 48 -2.57 -12.09 13.96
CA LEU A 48 -1.15 -12.02 14.27
C LEU A 48 -0.32 -11.91 13.00
N ALA A 49 -0.70 -12.68 11.98
CA ALA A 49 0.01 -12.67 10.71
C ALA A 49 -0.09 -11.30 10.05
N GLY A 1 7.14 4.01 -17.58
CA GLY A 1 8.04 2.93 -18.07
C GLY A 1 7.19 1.82 -18.69
N LYS A 2 6.16 1.39 -17.97
CA LYS A 2 5.28 0.34 -18.47
C LYS A 2 3.84 0.62 -18.08
N LYS A 3 3.51 0.36 -16.82
CA LYS A 3 2.16 0.59 -16.34
C LYS A 3 1.91 2.09 -16.15
N LYS A 4 0.86 2.43 -15.40
CA LYS A 4 0.51 3.82 -15.16
C LYS A 4 0.67 4.16 -13.69
N CYS A 5 0.49 3.15 -12.84
CA CYS A 5 0.61 3.35 -11.40
C CYS A 5 2.08 3.56 -11.02
N ILE A 6 2.57 2.68 -10.15
CA ILE A 6 3.96 2.76 -9.70
C ILE A 6 4.82 1.71 -10.38
N ALA A 7 4.21 0.93 -11.26
CA ALA A 7 4.93 -0.12 -11.98
C ALA A 7 5.33 -1.24 -11.02
N LYS A 8 6.20 -0.90 -10.06
CA LYS A 8 6.66 -1.88 -9.08
C LYS A 8 5.48 -2.51 -8.34
N ASP A 9 5.77 -3.15 -7.22
CA ASP A 9 4.72 -3.80 -6.43
C ASP A 9 4.99 -3.58 -4.93
N TYR A 10 3.97 -3.08 -4.23
CA TYR A 10 4.09 -2.83 -2.80
C TYR A 10 5.30 -1.94 -2.52
N GLY A 11 5.38 -1.43 -1.30
CA GLY A 11 6.48 -0.56 -0.90
C GLY A 11 5.97 0.75 -0.30
N ARG A 12 6.21 1.85 -1.00
CA ARG A 12 5.77 3.16 -0.53
C ARG A 12 4.63 3.70 -1.40
N CYS A 13 3.61 4.26 -0.75
CA CYS A 13 2.48 4.80 -1.48
C CYS A 13 1.95 6.07 -0.81
N LYS A 14 0.98 6.70 -1.45
CA LYS A 14 0.40 7.93 -0.92
C LYS A 14 -0.97 8.18 -1.54
N TRP A 15 -2.02 7.99 -0.75
CA TRP A 15 -3.38 8.21 -1.25
C TRP A 15 -3.45 9.45 -2.12
N GLY A 16 -3.26 10.60 -1.50
CA GLY A 16 -3.30 11.86 -2.23
C GLY A 16 -2.05 12.04 -3.08
N GLY A 17 -1.47 10.93 -3.50
CA GLY A 17 -0.27 10.97 -4.33
C GLY A 17 -0.26 9.84 -5.34
N THR A 18 0.36 8.72 -4.99
CA THR A 18 0.45 7.58 -5.90
C THR A 18 -0.74 6.62 -5.70
N PRO A 19 -1.24 6.00 -6.75
CA PRO A 19 -2.38 5.04 -6.63
C PRO A 19 -1.96 3.71 -6.02
N CYS A 20 -0.73 3.31 -6.30
CA CYS A 20 -0.20 2.04 -5.78
C CYS A 20 -0.92 0.87 -6.42
N CYS A 21 -0.27 0.25 -7.41
CA CYS A 21 -0.87 -0.89 -8.10
C CYS A 21 -1.17 -2.02 -7.11
N ARG A 22 -0.16 -2.83 -6.81
CA ARG A 22 -0.33 -3.94 -5.89
C ARG A 22 -0.16 -3.46 -4.45
N GLY A 23 -1.22 -3.58 -3.66
CA GLY A 23 -1.19 -3.16 -2.26
C GLY A 23 -2.14 -1.98 -2.02
N ARG A 24 -3.39 -2.30 -1.67
CA ARG A 24 -4.37 -1.28 -1.43
C ARG A 24 -4.29 -0.80 0.02
N GLY A 25 -3.78 -1.67 0.89
CA GLY A 25 -3.66 -1.33 2.32
C GLY A 25 -2.60 -0.26 2.54
N CYS A 26 -2.78 0.89 1.90
CA CYS A 26 -1.84 1.99 2.03
C CYS A 26 -2.21 2.86 3.23
N ILE A 27 -1.36 2.85 4.24
CA ILE A 27 -1.60 3.63 5.45
C ILE A 27 -0.36 4.42 5.82
N CYS A 28 -0.56 5.50 6.57
CA CYS A 28 0.54 6.35 6.99
C CYS A 28 0.40 6.72 8.46
N SER A 29 1.41 7.40 8.99
CA SER A 29 1.39 7.83 10.39
C SER A 29 0.53 9.08 10.55
N ILE A 30 0.07 9.31 11.78
CA ILE A 30 -0.76 10.48 12.05
C ILE A 30 -0.17 11.71 11.36
N MET A 31 1.15 11.72 11.23
CA MET A 31 1.83 12.84 10.59
C MET A 31 1.74 12.75 9.08
N GLY A 32 1.96 11.55 8.55
CA GLY A 32 1.90 11.34 7.10
C GLY A 32 3.30 11.36 6.50
N THR A 33 4.13 10.40 6.91
CA THR A 33 5.49 10.33 6.41
C THR A 33 5.89 8.87 6.15
N ASN A 34 5.39 7.97 6.97
CA ASN A 34 5.69 6.56 6.83
C ASN A 34 4.58 5.86 6.03
N CYS A 35 4.25 6.44 4.88
CA CYS A 35 3.19 5.88 4.05
C CYS A 35 3.69 4.63 3.32
N GLU A 36 3.29 3.47 3.83
CA GLU A 36 3.71 2.20 3.24
C GLU A 36 2.54 1.50 2.57
N CYS A 37 2.81 0.88 1.42
CA CYS A 37 1.78 0.17 0.66
C CYS A 37 1.83 -1.32 0.99
N LYS A 38 0.89 -1.77 1.81
CA LYS A 38 0.85 -3.19 2.20
C LYS A 38 -0.54 -3.77 1.89
N PRO A 39 -0.64 -5.07 1.84
CA PRO A 39 -1.95 -5.76 1.57
C PRO A 39 -2.91 -5.68 2.75
N ARG A 40 -4.02 -6.38 2.63
CA ARG A 40 -5.02 -6.39 3.70
C ARG A 40 -5.64 -7.78 3.85
N LEU A 41 -6.69 -8.04 3.10
CA LEU A 41 -7.36 -9.34 3.16
C LEU A 41 -7.71 -9.69 4.60
N ILE A 42 -8.50 -10.75 4.77
CA ILE A 42 -8.90 -11.20 6.09
C ILE A 42 -8.04 -12.37 6.55
N MET A 43 -8.09 -12.67 7.85
CA MET A 43 -7.32 -13.76 8.41
C MET A 43 -5.83 -13.55 8.14
N GLU A 44 -5.49 -12.45 7.47
CA GLU A 44 -4.11 -12.15 7.17
C GLU A 44 -3.28 -12.02 8.45
N GLY A 45 -3.73 -11.14 9.34
CA GLY A 45 -3.03 -10.93 10.61
C GLY A 45 -3.66 -11.77 11.72
N LEU A 46 -4.98 -11.93 11.65
CA LEU A 46 -5.71 -12.71 12.66
C LEU A 46 -6.30 -13.96 12.03
N GLY A 47 -7.35 -14.48 12.65
CA GLY A 47 -8.01 -15.68 12.16
C GLY A 47 -7.09 -16.90 12.28
N LEU A 48 -5.98 -16.86 11.57
CA LEU A 48 -5.01 -17.95 11.63
C LEU A 48 -3.64 -17.47 11.17
N ALA A 49 -3.61 -16.68 10.11
CA ALA A 49 -2.36 -16.16 9.58
C ALA A 49 -2.01 -14.84 10.25
N GLY A 1 3.98 -4.43 -14.28
CA GLY A 1 2.94 -5.43 -14.69
C GLY A 1 1.55 -4.86 -14.44
N LYS A 2 1.15 -4.80 -13.18
CA LYS A 2 -0.15 -4.26 -12.82
C LYS A 2 -0.33 -2.85 -13.38
N LYS A 3 -1.25 -2.71 -14.34
CA LYS A 3 -1.53 -1.42 -14.97
C LYS A 3 -0.28 -0.55 -15.02
N LYS A 4 -0.26 0.50 -14.22
CA LYS A 4 0.88 1.40 -14.16
C LYS A 4 1.15 1.83 -12.73
N CYS A 5 0.07 2.20 -12.03
CA CYS A 5 0.16 2.65 -10.64
C CYS A 5 1.52 3.30 -10.35
N ILE A 6 2.47 2.52 -9.89
CA ILE A 6 3.80 3.03 -9.60
C ILE A 6 4.85 2.00 -9.99
N ALA A 7 4.38 0.87 -10.50
CA ALA A 7 5.26 -0.21 -10.92
C ALA A 7 5.72 -1.03 -9.72
N LYS A 8 6.46 -0.39 -8.83
CA LYS A 8 6.95 -1.09 -7.64
C LYS A 8 5.79 -1.74 -6.90
N ASP A 9 6.07 -2.23 -5.69
CA ASP A 9 5.04 -2.88 -4.89
C ASP A 9 4.97 -2.25 -3.50
N TYR A 10 4.49 -3.02 -2.53
CA TYR A 10 4.37 -2.53 -1.17
C TYR A 10 5.64 -1.79 -0.76
N GLY A 11 5.50 -0.89 0.21
CA GLY A 11 6.65 -0.12 0.69
C GLY A 11 6.23 1.30 1.06
N ARG A 12 6.57 2.25 0.18
CA ARG A 12 6.23 3.65 0.42
C ARG A 12 5.41 4.21 -0.73
N CYS A 13 4.34 4.94 -0.39
CA CYS A 13 3.49 5.54 -1.40
C CYS A 13 2.89 6.85 -0.90
N LYS A 14 2.08 7.49 -1.74
CA LYS A 14 1.45 8.75 -1.36
C LYS A 14 0.04 8.84 -1.95
N TRP A 15 -0.96 8.77 -1.08
CA TRP A 15 -2.35 8.83 -1.52
C TRP A 15 -2.54 10.00 -2.48
N GLY A 16 -3.35 9.78 -3.49
CA GLY A 16 -3.62 10.83 -4.48
C GLY A 16 -2.39 11.13 -5.31
N GLY A 17 -1.21 11.08 -4.69
CA GLY A 17 0.03 11.36 -5.39
C GLY A 17 0.54 10.12 -6.13
N THR A 18 1.37 9.34 -5.45
CA THR A 18 1.93 8.12 -6.05
C THR A 18 1.04 6.90 -5.74
N PRO A 19 0.36 6.31 -6.71
CA PRO A 19 -0.51 5.12 -6.47
C PRO A 19 0.23 3.99 -5.74
N CYS A 20 -0.27 2.77 -5.91
CA CYS A 20 0.34 1.62 -5.27
C CYS A 20 -0.17 0.33 -5.91
N CYS A 21 0.56 -0.16 -6.90
CA CYS A 21 0.17 -1.39 -7.60
C CYS A 21 -0.34 -2.43 -6.60
N ARG A 22 0.58 -3.08 -5.90
CA ARG A 22 0.22 -4.10 -4.93
C ARG A 22 0.14 -3.48 -3.53
N GLY A 23 -1.06 -3.48 -2.95
CA GLY A 23 -1.26 -2.93 -1.62
C GLY A 23 -1.86 -1.53 -1.70
N ARG A 24 -3.18 -1.47 -1.80
CA ARG A 24 -3.87 -0.18 -1.87
C ARG A 24 -4.00 0.46 -0.50
N GLY A 25 -3.48 -0.21 0.52
CA GLY A 25 -3.55 0.31 1.87
C GLY A 25 -2.36 1.20 2.18
N CYS A 26 -2.54 2.50 2.05
CA CYS A 26 -1.47 3.47 2.31
C CYS A 26 -1.87 4.42 3.42
N ILE A 27 -1.24 4.25 4.57
CA ILE A 27 -1.51 5.09 5.73
C ILE A 27 -0.27 5.91 6.06
N CYS A 28 -0.49 7.03 6.72
CA CYS A 28 0.60 7.92 7.11
C CYS A 28 0.48 8.33 8.58
N SER A 29 1.46 9.09 9.04
CA SER A 29 1.45 9.56 10.42
C SER A 29 0.75 10.91 10.55
N ILE A 30 0.31 11.23 11.76
CA ILE A 30 -0.38 12.49 12.00
C ILE A 30 0.29 13.62 11.21
N MET A 31 1.57 13.45 10.91
CA MET A 31 2.31 14.48 10.17
C MET A 31 2.03 14.36 8.67
N GLY A 32 1.99 13.15 8.17
CA GLY A 32 1.72 12.92 6.75
C GLY A 32 3.01 12.96 5.95
N THR A 33 3.92 12.04 6.23
CA THR A 33 5.20 11.98 5.52
C THR A 33 5.71 10.55 5.45
N ASN A 34 5.39 9.76 6.47
CA ASN A 34 5.82 8.37 6.52
C ASN A 34 4.79 7.47 5.83
N CYS A 35 4.13 8.01 4.82
CA CYS A 35 3.11 7.24 4.10
C CYS A 35 3.67 5.90 3.66
N GLU A 36 3.26 4.83 4.35
CA GLU A 36 3.73 3.49 4.03
C GLU A 36 2.63 2.67 3.37
N CYS A 37 2.98 1.99 2.28
CA CYS A 37 2.02 1.15 1.57
C CYS A 37 2.01 -0.26 2.15
N LYS A 38 0.82 -0.76 2.45
CA LYS A 38 0.67 -2.08 3.01
C LYS A 38 -0.60 -2.76 2.45
N PRO A 39 -0.68 -4.07 2.58
CA PRO A 39 -1.86 -4.84 2.09
C PRO A 39 -3.10 -4.61 2.96
N ARG A 40 -4.10 -5.46 2.78
CA ARG A 40 -5.34 -5.34 3.54
C ARG A 40 -5.12 -5.77 4.99
N LEU A 41 -6.09 -6.49 5.54
CA LEU A 41 -5.99 -6.96 6.92
C LEU A 41 -5.39 -8.36 6.98
N ILE A 42 -4.30 -8.50 7.71
CA ILE A 42 -3.63 -9.80 7.84
C ILE A 42 -4.65 -10.89 8.14
N MET A 43 -4.45 -12.07 7.56
CA MET A 43 -5.36 -13.18 7.79
C MET A 43 -5.33 -13.61 9.24
N GLU A 44 -6.43 -14.22 9.70
CA GLU A 44 -6.53 -14.67 11.08
C GLU A 44 -5.64 -15.90 11.31
N GLY A 45 -5.03 -16.38 10.23
CA GLY A 45 -4.16 -17.55 10.32
C GLY A 45 -4.26 -18.40 9.06
N LEU A 46 -5.47 -18.53 8.53
CA LEU A 46 -5.69 -19.32 7.33
C LEU A 46 -4.58 -19.09 6.32
N GLY A 47 -4.41 -17.83 5.91
CA GLY A 47 -3.37 -17.48 4.96
C GLY A 47 -3.93 -17.41 3.53
N LEU A 48 -5.22 -17.10 3.43
CA LEU A 48 -5.86 -17.00 2.13
C LEU A 48 -6.85 -15.83 2.10
N ALA A 49 -7.59 -15.67 3.19
CA ALA A 49 -8.57 -14.59 3.29
C ALA A 49 -7.86 -13.23 3.29
N GLY A 1 -2.77 -6.58 -16.38
CA GLY A 1 -2.77 -5.26 -15.69
C GLY A 1 -1.34 -4.85 -15.36
N LYS A 2 -0.73 -4.11 -16.28
CA LYS A 2 0.65 -3.65 -16.07
C LYS A 2 0.74 -2.76 -14.84
N LYS A 3 1.91 -2.76 -14.21
CA LYS A 3 2.12 -1.94 -13.01
C LYS A 3 2.91 -0.67 -13.37
N LYS A 4 2.20 0.44 -13.49
CA LYS A 4 2.84 1.71 -13.82
C LYS A 4 3.11 2.53 -12.56
N CYS A 5 2.29 2.29 -11.54
CA CYS A 5 2.44 3.00 -10.28
C CYS A 5 3.83 2.74 -9.69
N ILE A 6 3.90 2.67 -8.36
CA ILE A 6 5.15 2.42 -7.67
C ILE A 6 5.98 1.39 -8.43
N ALA A 7 5.30 0.51 -9.15
CA ALA A 7 5.98 -0.53 -9.92
C ALA A 7 6.65 -1.54 -8.99
N LYS A 8 7.53 -1.06 -8.13
CA LYS A 8 8.25 -1.93 -7.19
C LYS A 8 7.30 -2.93 -6.54
N ASP A 9 6.02 -2.65 -6.64
CA ASP A 9 5.00 -3.52 -6.06
C ASP A 9 4.99 -3.40 -4.55
N TYR A 10 3.93 -2.81 -4.00
CA TYR A 10 3.82 -2.64 -2.56
C TYR A 10 5.02 -1.88 -2.02
N GLY A 11 4.94 -1.46 -0.75
CA GLY A 11 6.03 -0.73 -0.12
C GLY A 11 5.55 0.63 0.36
N ARG A 12 5.95 1.69 -0.35
CA ARG A 12 5.56 3.05 0.02
C ARG A 12 4.59 3.62 -1.01
N CYS A 13 3.65 4.42 -0.54
CA CYS A 13 2.66 5.03 -1.43
C CYS A 13 2.29 6.42 -0.95
N LYS A 14 1.58 7.17 -1.80
CA LYS A 14 1.16 8.52 -1.44
C LYS A 14 -0.11 8.90 -2.21
N TRP A 15 -1.21 8.99 -1.48
CA TRP A 15 -2.49 9.34 -2.09
C TRP A 15 -2.36 10.63 -2.91
N GLY A 16 -1.63 11.59 -2.36
CA GLY A 16 -1.44 12.87 -3.03
C GLY A 16 -0.06 12.94 -3.68
N GLY A 17 0.48 11.79 -4.04
CA GLY A 17 1.79 11.74 -4.67
C GLY A 17 2.08 10.35 -5.23
N THR A 18 3.20 9.77 -4.84
CA THR A 18 3.59 8.46 -5.33
C THR A 18 2.37 7.53 -5.41
N PRO A 19 1.89 7.19 -6.60
CA PRO A 19 0.70 6.30 -6.75
C PRO A 19 1.05 4.83 -6.49
N CYS A 20 0.06 4.07 -6.04
CA CYS A 20 0.27 2.65 -5.76
C CYS A 20 -0.51 1.76 -6.71
N CYS A 21 0.12 0.70 -7.18
CA CYS A 21 -0.55 -0.22 -8.11
C CYS A 21 -1.15 -1.40 -7.35
N ARG A 22 -0.32 -2.36 -7.00
CA ARG A 22 -0.77 -3.54 -6.27
C ARG A 22 -0.88 -3.23 -4.78
N GLY A 23 -2.11 -3.15 -4.28
CA GLY A 23 -2.33 -2.87 -2.86
C GLY A 23 -2.76 -1.41 -2.67
N ARG A 24 -4.06 -1.19 -2.66
CA ARG A 24 -4.60 0.16 -2.49
C ARG A 24 -4.80 0.47 -1.01
N GLY A 25 -4.21 -0.36 -0.15
CA GLY A 25 -4.35 -0.16 1.29
C GLY A 25 -3.26 0.77 1.81
N CYS A 26 -3.18 1.96 1.25
CA CYS A 26 -2.17 2.94 1.67
C CYS A 26 -2.59 3.63 2.95
N ILE A 27 -1.87 3.38 4.03
CA ILE A 27 -2.16 3.99 5.31
C ILE A 27 -0.93 4.70 5.86
N CYS A 28 -1.16 5.78 6.60
CA CYS A 28 -0.07 6.55 7.19
C CYS A 28 -0.27 6.71 8.70
N SER A 29 0.73 7.29 9.35
CA SER A 29 0.66 7.50 10.79
C SER A 29 -0.19 8.74 11.11
N ILE A 30 -0.51 8.91 12.40
CA ILE A 30 -1.32 10.05 12.81
C ILE A 30 -0.73 11.36 12.30
N MET A 31 0.58 11.37 12.10
CA MET A 31 1.27 12.56 11.61
C MET A 31 1.21 12.62 10.09
N GLY A 32 1.09 11.47 9.46
CA GLY A 32 1.03 11.39 8.00
C GLY A 32 2.42 11.47 7.39
N THR A 33 3.23 10.44 7.65
CA THR A 33 4.59 10.41 7.12
C THR A 33 4.99 8.98 6.78
N ASN A 34 4.50 8.03 7.57
CA ASN A 34 4.81 6.62 7.33
C ASN A 34 3.77 5.99 6.41
N CYS A 35 3.57 6.62 5.25
CA CYS A 35 2.60 6.11 4.29
C CYS A 35 3.11 4.83 3.62
N GLU A 36 2.64 3.69 4.12
CA GLU A 36 3.05 2.40 3.58
C GLU A 36 1.93 1.78 2.75
N CYS A 37 2.29 1.17 1.63
CA CYS A 37 1.32 0.53 0.76
C CYS A 37 1.17 -0.93 1.12
N LYS A 38 0.01 -1.29 1.67
CA LYS A 38 -0.25 -2.67 2.05
C LYS A 38 -1.52 -3.20 1.39
N PRO A 39 -1.65 -4.51 1.27
CA PRO A 39 -2.85 -5.14 0.65
C PRO A 39 -4.10 -5.00 1.51
N ARG A 40 -5.13 -5.78 1.20
CA ARG A 40 -6.37 -5.73 1.96
C ARG A 40 -6.37 -6.79 3.06
N LEU A 41 -7.57 -7.21 3.48
CA LEU A 41 -7.69 -8.22 4.52
C LEU A 41 -7.78 -9.62 3.92
N ILE A 42 -6.78 -9.98 3.12
CA ILE A 42 -6.76 -11.29 2.49
C ILE A 42 -6.22 -12.34 3.45
N MET A 43 -5.38 -11.91 4.39
CA MET A 43 -4.80 -12.83 5.36
C MET A 43 -4.36 -12.07 6.61
N GLU A 44 -4.46 -10.75 6.57
CA GLU A 44 -4.08 -9.92 7.70
C GLU A 44 -4.97 -10.22 8.90
N GLY A 45 -4.77 -11.38 9.51
CA GLY A 45 -5.56 -11.76 10.67
C GLY A 45 -5.95 -13.24 10.60
N LEU A 46 -6.53 -13.65 9.47
CA LEU A 46 -6.95 -15.03 9.28
C LEU A 46 -6.28 -15.62 8.05
N GLY A 47 -5.31 -16.51 8.27
CA GLY A 47 -4.61 -17.15 7.17
C GLY A 47 -3.12 -17.28 7.48
N LEU A 48 -2.51 -16.17 7.88
CA LEU A 48 -1.09 -16.17 8.20
C LEU A 48 -0.83 -15.37 9.49
N ALA A 49 -1.52 -14.24 9.62
CA ALA A 49 -1.36 -13.40 10.80
C ALA A 49 -2.18 -13.93 11.96
N GLY A 1 -6.64 -5.17 -6.33
CA GLY A 1 -7.18 -5.43 -7.70
C GLY A 1 -7.02 -4.18 -8.56
N LYS A 2 -5.80 -3.92 -9.01
CA LYS A 2 -5.53 -2.76 -9.84
C LYS A 2 -4.30 -2.99 -10.71
N LYS A 3 -4.52 -3.34 -11.96
CA LYS A 3 -3.42 -3.58 -12.89
C LYS A 3 -2.56 -2.34 -13.06
N LYS A 4 -3.12 -1.20 -12.65
CA LYS A 4 -2.39 0.06 -12.75
C LYS A 4 -1.81 0.46 -11.40
N CYS A 5 -0.48 0.50 -11.33
CA CYS A 5 0.20 0.86 -10.10
C CYS A 5 1.64 1.25 -10.39
N ILE A 6 2.56 0.67 -9.63
CA ILE A 6 3.99 0.95 -9.80
C ILE A 6 4.74 -0.32 -10.15
N ALA A 7 6.08 -0.22 -10.22
CA ALA A 7 6.91 -1.37 -10.55
C ALA A 7 8.10 -1.46 -9.60
N LYS A 8 8.19 -0.50 -8.68
CA LYS A 8 9.28 -0.49 -7.72
C LYS A 8 8.96 -1.38 -6.52
N ASP A 9 7.71 -1.80 -6.44
CA ASP A 9 7.27 -2.66 -5.35
C ASP A 9 7.50 -1.98 -3.99
N TYR A 10 6.49 -2.03 -3.13
CA TYR A 10 6.59 -1.42 -1.82
C TYR A 10 7.21 -0.03 -1.91
N GLY A 11 7.53 0.56 -0.77
CA GLY A 11 8.13 1.89 -0.74
C GLY A 11 7.10 2.95 -0.37
N ARG A 12 7.34 4.18 -0.81
CA ARG A 12 6.42 5.28 -0.53
C ARG A 12 5.23 5.23 -1.48
N CYS A 13 4.11 5.79 -1.03
CA CYS A 13 2.90 5.81 -1.84
C CYS A 13 1.97 6.93 -1.40
N LYS A 14 0.83 7.04 -2.06
CA LYS A 14 -0.13 8.08 -1.72
C LYS A 14 -1.56 7.52 -1.77
N TRP A 15 -2.24 7.55 -0.63
CA TRP A 15 -3.60 7.03 -0.54
C TRP A 15 -4.52 7.80 -1.49
N GLY A 16 -4.01 8.90 -2.03
CA GLY A 16 -4.80 9.72 -2.96
C GLY A 16 -4.02 9.99 -4.24
N GLY A 17 -3.10 9.08 -4.57
CA GLY A 17 -2.29 9.24 -5.77
C GLY A 17 -1.49 7.97 -6.05
N THR A 18 -0.29 8.16 -6.58
CA THR A 18 0.57 7.03 -6.90
C THR A 18 0.46 5.92 -5.84
N PRO A 19 -0.27 4.86 -6.12
CA PRO A 19 -0.45 3.74 -5.16
C PRO A 19 0.74 2.79 -5.14
N CYS A 20 0.54 1.60 -4.59
CA CYS A 20 1.61 0.61 -4.51
C CYS A 20 1.05 -0.79 -4.69
N CYS A 21 1.40 -1.43 -5.80
CA CYS A 21 0.93 -2.78 -6.08
C CYS A 21 1.19 -3.70 -4.88
N ARG A 22 2.41 -4.21 -4.80
CA ARG A 22 2.79 -5.10 -3.71
C ARG A 22 3.03 -4.31 -2.42
N GLY A 23 2.23 -4.60 -1.40
CA GLY A 23 2.37 -3.90 -0.12
C GLY A 23 1.39 -2.73 -0.04
N ARG A 24 0.09 -3.05 0.02
CA ARG A 24 -0.92 -2.02 0.10
C ARG A 24 -1.03 -1.48 1.52
N GLY A 25 0.06 -1.59 2.28
CA GLY A 25 0.06 -1.10 3.65
C GLY A 25 0.73 0.27 3.73
N CYS A 26 0.00 1.30 3.30
CA CYS A 26 0.52 2.67 3.32
C CYS A 26 0.05 3.40 4.56
N ILE A 27 0.96 3.54 5.50
CA ILE A 27 0.68 4.23 6.75
C ILE A 27 1.17 5.67 6.68
N CYS A 28 0.21 6.59 6.64
CA CYS A 28 0.52 8.01 6.57
C CYS A 28 0.60 8.61 7.96
N SER A 29 1.31 9.72 8.08
CA SER A 29 1.46 10.40 9.36
C SER A 29 0.23 11.25 9.67
N ILE A 30 0.05 11.60 10.94
CA ILE A 30 -1.09 12.39 11.35
C ILE A 30 -1.31 13.55 10.39
N MET A 31 -0.24 14.00 9.74
CA MET A 31 -0.33 15.09 8.79
C MET A 31 -0.71 14.58 7.41
N GLY A 32 -0.12 13.46 7.02
CA GLY A 32 -0.41 12.86 5.72
C GLY A 32 0.72 13.15 4.73
N THR A 33 1.90 12.60 5.02
CA THR A 33 3.05 12.79 4.14
C THR A 33 4.08 11.68 4.37
N ASN A 34 3.79 10.77 5.28
CA ASN A 34 4.69 9.67 5.59
C ASN A 34 4.10 8.35 5.08
N CYS A 35 3.23 8.44 4.09
CA CYS A 35 2.61 7.24 3.54
C CYS A 35 3.67 6.25 3.07
N GLU A 36 3.86 5.19 3.85
CA GLU A 36 4.86 4.17 3.53
C GLU A 36 4.18 2.82 3.24
N CYS A 37 4.16 2.44 1.97
CA CYS A 37 3.56 1.18 1.57
C CYS A 37 4.42 0.01 2.01
N LYS A 38 3.94 -0.74 2.99
CA LYS A 38 4.68 -1.88 3.50
C LYS A 38 3.82 -3.14 3.46
N PRO A 39 4.39 -4.27 3.84
CA PRO A 39 3.66 -5.58 3.86
C PRO A 39 2.49 -5.57 4.84
N ARG A 40 2.79 -5.46 6.12
CA ARG A 40 1.76 -5.45 7.15
C ARG A 40 0.88 -6.68 7.02
N LEU A 41 0.08 -6.93 8.05
CA LEU A 41 -0.82 -8.08 8.06
C LEU A 41 -2.10 -7.77 7.31
N ILE A 42 -2.20 -8.29 6.09
CA ILE A 42 -3.37 -8.08 5.27
C ILE A 42 -3.79 -9.38 4.60
N MET A 43 -5.08 -9.68 4.68
CA MET A 43 -5.61 -10.89 4.07
C MET A 43 -6.87 -10.59 3.26
N GLU A 44 -6.98 -11.21 2.09
CA GLU A 44 -8.15 -10.99 1.23
C GLU A 44 -9.24 -11.99 1.57
N GLY A 45 -8.88 -13.27 1.65
CA GLY A 45 -9.85 -14.31 1.96
C GLY A 45 -9.20 -15.69 1.89
N LEU A 46 -7.95 -15.74 1.44
CA LEU A 46 -7.24 -16.99 1.33
C LEU A 46 -6.21 -17.13 2.45
N GLY A 47 -6.64 -16.86 3.68
CA GLY A 47 -5.76 -16.95 4.84
C GLY A 47 -6.56 -17.03 6.13
N LEU A 48 -7.46 -16.06 6.32
CA LEU A 48 -8.27 -16.03 7.51
C LEU A 48 -9.52 -15.18 7.28
N ALA A 49 -9.34 -14.05 6.61
CA ALA A 49 -10.46 -13.15 6.33
C ALA A 49 -11.46 -13.82 5.38
N GLY A 1 1.31 -9.47 -8.76
CA GLY A 1 0.53 -9.79 -9.99
C GLY A 1 0.57 -8.60 -10.94
N LYS A 2 -0.50 -7.81 -10.94
CA LYS A 2 -0.58 -6.64 -11.81
C LYS A 2 0.55 -5.65 -11.48
N LYS A 3 0.80 -4.72 -12.39
CA LYS A 3 1.84 -3.72 -12.18
C LYS A 3 1.34 -2.34 -12.59
N LYS A 4 0.24 -1.90 -12.00
CA LYS A 4 -0.33 -0.60 -12.31
C LYS A 4 -0.10 0.38 -11.16
N CYS A 5 -0.74 1.54 -11.25
CA CYS A 5 -0.60 2.56 -10.22
C CYS A 5 0.85 3.00 -10.09
N ILE A 6 1.66 2.13 -9.49
CA ILE A 6 3.07 2.41 -9.29
C ILE A 6 3.94 1.36 -9.96
N ALA A 7 3.35 0.20 -10.23
CA ALA A 7 4.07 -0.88 -10.88
C ALA A 7 5.15 -1.45 -9.97
N LYS A 8 5.80 -0.58 -9.21
CA LYS A 8 6.86 -1.00 -8.30
C LYS A 8 6.31 -1.90 -7.21
N ASP A 9 5.05 -1.68 -6.85
CA ASP A 9 4.39 -2.46 -5.81
C ASP A 9 5.20 -2.38 -4.51
N TYR A 10 4.52 -1.99 -3.43
CA TYR A 10 5.17 -1.90 -2.13
C TYR A 10 6.25 -0.84 -2.15
N GLY A 11 6.02 0.22 -1.37
CA GLY A 11 6.98 1.32 -1.29
C GLY A 11 6.29 2.58 -0.78
N ARG A 12 6.72 3.72 -1.31
CA ARG A 12 6.15 5.00 -0.90
C ARG A 12 4.87 5.29 -1.68
N CYS A 13 4.01 6.12 -1.11
CA CYS A 13 2.76 6.47 -1.76
C CYS A 13 2.22 7.79 -1.21
N LYS A 14 1.18 8.33 -1.85
CA LYS A 14 0.60 9.58 -1.41
C LYS A 14 -0.85 9.69 -1.89
N TRP A 15 -1.78 9.69 -0.94
CA TRP A 15 -3.20 9.78 -1.27
C TRP A 15 -3.50 11.11 -1.97
N GLY A 16 -2.53 12.01 -1.93
CA GLY A 16 -2.70 13.32 -2.55
C GLY A 16 -1.69 13.53 -3.67
N GLY A 17 -1.00 12.45 -4.04
CA GLY A 17 0.01 12.52 -5.09
C GLY A 17 -0.06 11.29 -5.98
N THR A 18 0.83 10.34 -5.74
CA THR A 18 0.85 9.12 -6.55
C THR A 18 -0.07 8.05 -5.94
N PRO A 19 -0.70 7.24 -6.77
CA PRO A 19 -1.61 6.15 -6.28
C PRO A 19 -0.84 5.00 -5.65
N CYS A 20 -1.48 3.84 -5.56
CA CYS A 20 -0.85 2.66 -4.98
C CYS A 20 -1.64 1.41 -5.30
N CYS A 21 -1.16 0.62 -6.27
CA CYS A 21 -1.87 -0.60 -6.65
C CYS A 21 -1.88 -1.60 -5.52
N ARG A 22 -0.85 -2.45 -5.46
CA ARG A 22 -0.76 -3.47 -4.42
C ARG A 22 -0.18 -2.88 -3.15
N GLY A 23 -0.93 -2.97 -2.06
CA GLY A 23 -0.48 -2.43 -0.78
C GLY A 23 -1.08 -1.07 -0.51
N ARG A 24 -2.38 -1.04 -0.27
CA ARG A 24 -3.06 0.21 0.01
C ARG A 24 -2.83 0.64 1.46
N GLY A 25 -1.70 0.22 2.03
CA GLY A 25 -1.37 0.57 3.40
C GLY A 25 -0.52 1.84 3.45
N CYS A 26 -1.12 2.96 3.06
CA CYS A 26 -0.42 4.25 3.05
C CYS A 26 -0.48 4.89 4.42
N ILE A 27 0.48 4.54 5.25
CA ILE A 27 0.56 5.09 6.59
C ILE A 27 1.19 6.47 6.57
N CYS A 28 0.35 7.49 6.57
CA CYS A 28 0.80 8.87 6.56
C CYS A 28 0.94 9.40 7.97
N SER A 29 1.80 10.40 8.14
CA SER A 29 2.03 11.00 9.45
C SER A 29 1.09 12.18 9.66
N ILE A 30 1.08 12.70 10.89
CA ILE A 30 0.23 13.84 11.22
C ILE A 30 0.45 14.98 10.23
N MET A 31 1.54 14.88 9.47
CA MET A 31 1.86 15.90 8.47
C MET A 31 1.59 15.39 7.06
N GLY A 32 1.99 14.15 6.80
CA GLY A 32 1.80 13.55 5.48
C GLY A 32 3.11 13.50 4.70
N THR A 33 4.12 12.88 5.30
CA THR A 33 5.42 12.77 4.66
C THR A 33 5.96 11.34 4.77
N ASN A 34 5.44 10.61 5.75
CA ASN A 34 5.87 9.23 5.95
C ASN A 34 4.94 8.25 5.25
N CYS A 35 4.09 8.80 4.37
CA CYS A 35 3.13 7.98 3.63
C CYS A 35 3.83 6.78 3.00
N GLU A 36 3.87 5.67 3.74
CA GLU A 36 4.51 4.46 3.24
C GLU A 36 3.47 3.42 2.86
N CYS A 37 3.51 2.97 1.61
CA CYS A 37 2.56 1.97 1.14
C CYS A 37 2.96 0.58 1.63
N LYS A 38 2.31 0.13 2.70
CA LYS A 38 2.62 -1.18 3.26
C LYS A 38 1.66 -2.24 2.73
N PRO A 39 2.12 -3.47 2.61
CA PRO A 39 1.28 -4.60 2.10
C PRO A 39 0.16 -4.97 3.08
N ARG A 40 -0.66 -5.93 2.69
CA ARG A 40 -1.77 -6.38 3.53
C ARG A 40 -2.33 -7.69 3.00
N LEU A 41 -3.05 -8.39 3.87
CA LEU A 41 -3.64 -9.67 3.52
C LEU A 41 -5.12 -9.69 3.88
N ILE A 42 -5.73 -10.88 3.81
CA ILE A 42 -7.14 -11.03 4.13
C ILE A 42 -7.36 -12.26 5.00
N MET A 43 -6.46 -13.23 4.90
CA MET A 43 -6.56 -14.45 5.69
C MET A 43 -5.81 -14.30 7.01
N GLU A 44 -6.45 -14.71 8.10
CA GLU A 44 -5.84 -14.62 9.42
C GLU A 44 -4.39 -15.09 9.36
N GLY A 45 -4.13 -16.12 8.56
CA GLY A 45 -2.78 -16.65 8.42
C GLY A 45 -2.81 -18.11 7.95
N LEU A 46 -3.91 -18.80 8.25
CA LEU A 46 -4.06 -20.19 7.87
C LEU A 46 -4.31 -20.30 6.36
N GLY A 47 -5.55 -20.05 5.96
CA GLY A 47 -5.90 -20.13 4.54
C GLY A 47 -7.34 -20.58 4.37
N LEU A 48 -8.13 -20.43 5.43
CA LEU A 48 -9.54 -20.83 5.39
C LEU A 48 -10.43 -19.59 5.32
N ALA A 49 -10.10 -18.58 6.11
CA ALA A 49 -10.87 -17.35 6.13
C ALA A 49 -11.04 -16.79 4.72
N GLY A 1 6.95 -3.38 -15.01
CA GLY A 1 6.94 -2.10 -15.76
C GLY A 1 6.13 -1.06 -14.97
N LYS A 2 5.81 0.06 -15.62
CA LYS A 2 5.05 1.12 -14.97
C LYS A 2 3.55 0.88 -15.16
N LYS A 3 3.20 -0.06 -16.02
CA LYS A 3 1.80 -0.37 -16.27
C LYS A 3 1.01 0.92 -16.46
N LYS A 4 0.15 1.21 -15.49
CA LYS A 4 -0.68 2.41 -15.56
C LYS A 4 -0.73 3.11 -14.21
N CYS A 5 0.11 2.65 -13.29
CA CYS A 5 0.16 3.22 -11.95
C CYS A 5 1.60 3.54 -11.57
N ILE A 6 2.23 2.61 -10.85
CA ILE A 6 3.61 2.79 -10.40
C ILE A 6 4.43 1.54 -10.74
N ALA A 7 5.61 1.44 -10.14
CA ALA A 7 6.49 0.29 -10.38
C ALA A 7 7.01 -0.27 -9.06
N LYS A 8 7.04 0.58 -8.03
CA LYS A 8 7.52 0.16 -6.72
C LYS A 8 6.52 -0.76 -6.03
N ASP A 9 5.54 -1.24 -6.81
CA ASP A 9 4.52 -2.13 -6.29
C ASP A 9 4.16 -1.74 -4.86
N TYR A 10 4.32 -2.68 -3.93
CA TYR A 10 4.02 -2.43 -2.53
C TYR A 10 5.06 -1.50 -1.92
N GLY A 11 4.79 -1.00 -0.72
CA GLY A 11 5.70 -0.11 -0.04
C GLY A 11 5.27 1.34 -0.20
N ARG A 12 6.24 2.24 -0.29
CA ARG A 12 5.94 3.67 -0.43
C ARG A 12 4.74 3.89 -1.32
N CYS A 13 3.70 4.50 -0.77
CA CYS A 13 2.49 4.77 -1.54
C CYS A 13 1.76 6.00 -1.01
N LYS A 14 0.74 6.45 -1.73
CA LYS A 14 -0.02 7.62 -1.32
C LYS A 14 -1.38 7.64 -1.98
N TRP A 15 -2.34 8.29 -1.33
CA TRP A 15 -3.70 8.37 -1.88
C TRP A 15 -3.81 9.50 -2.89
N GLY A 16 -3.38 10.69 -2.48
CA GLY A 16 -3.43 11.86 -3.35
C GLY A 16 -2.19 11.93 -4.22
N GLY A 17 -1.10 11.32 -3.76
CA GLY A 17 0.15 11.33 -4.50
C GLY A 17 0.10 10.34 -5.65
N THR A 18 1.01 9.37 -5.64
CA THR A 18 1.04 8.38 -6.69
C THR A 18 0.13 7.19 -6.37
N PRO A 19 -0.40 6.53 -7.37
CA PRO A 19 -1.30 5.35 -7.16
C PRO A 19 -0.56 4.14 -6.61
N CYS A 20 -1.24 2.99 -6.59
CA CYS A 20 -0.64 1.77 -6.09
C CYS A 20 -1.12 0.57 -6.88
N CYS A 21 -0.33 0.16 -7.87
CA CYS A 21 -0.70 -0.97 -8.71
C CYS A 21 -1.29 -2.10 -7.86
N ARG A 22 -0.44 -2.92 -7.27
CA ARG A 22 -0.91 -4.02 -6.43
C ARG A 22 -1.03 -3.58 -4.98
N GLY A 23 -1.54 -2.36 -4.77
CA GLY A 23 -1.69 -1.83 -3.43
C GLY A 23 -3.05 -1.14 -3.27
N ARG A 24 -3.61 -1.25 -2.09
CA ARG A 24 -4.91 -0.64 -1.81
C ARG A 24 -4.98 -0.13 -0.38
N GLY A 25 -4.18 -0.73 0.49
CA GLY A 25 -4.15 -0.32 1.89
C GLY A 25 -2.95 0.57 2.18
N CYS A 26 -2.96 1.77 1.61
CA CYS A 26 -1.86 2.71 1.82
C CYS A 26 -2.01 3.42 3.15
N ILE A 27 -1.52 2.79 4.21
CA ILE A 27 -1.60 3.36 5.55
C ILE A 27 -0.33 4.11 5.90
N CYS A 28 -0.46 5.13 6.74
CA CYS A 28 0.70 5.93 7.15
C CYS A 28 0.73 6.08 8.66
N SER A 29 1.78 6.74 9.16
CA SER A 29 1.92 6.96 10.59
C SER A 29 1.02 8.10 11.07
N ILE A 30 0.98 8.32 12.37
CA ILE A 30 0.16 9.38 12.94
C ILE A 30 0.47 10.71 12.28
N MET A 31 1.70 10.86 11.80
CA MET A 31 2.12 12.09 11.15
C MET A 31 1.73 12.09 9.68
N GLY A 32 1.99 10.97 9.00
CA GLY A 32 1.64 10.86 7.59
C GLY A 32 2.86 11.09 6.70
N THR A 33 3.86 10.23 6.86
CA THR A 33 5.08 10.34 6.07
C THR A 33 5.61 8.97 5.69
N ASN A 34 5.27 7.97 6.48
CA ASN A 34 5.73 6.61 6.22
C ASN A 34 4.62 5.79 5.56
N CYS A 35 3.97 6.37 4.56
CA CYS A 35 2.89 5.70 3.85
C CYS A 35 3.42 4.45 3.15
N GLU A 36 2.80 3.30 3.45
CA GLU A 36 3.20 2.04 2.85
C GLU A 36 1.99 1.30 2.30
N CYS A 37 2.16 0.71 1.11
CA CYS A 37 1.07 -0.02 0.47
C CYS A 37 1.07 -1.46 0.94
N LYS A 38 -0.06 -1.90 1.50
CA LYS A 38 -0.18 -3.26 2.01
C LYS A 38 -1.40 -3.96 1.40
N PRO A 39 -1.33 -5.26 1.20
CA PRO A 39 -2.47 -6.04 0.63
C PRO A 39 -3.67 -6.10 1.60
N ARG A 40 -4.73 -6.77 1.16
CA ARG A 40 -5.92 -6.90 1.99
C ARG A 40 -5.69 -7.93 3.10
N LEU A 41 -6.28 -7.67 4.27
CA LEU A 41 -6.13 -8.57 5.40
C LEU A 41 -4.68 -8.99 5.57
N ILE A 42 -3.95 -8.28 6.43
CA ILE A 42 -2.55 -8.58 6.66
C ILE A 42 -2.41 -9.92 7.38
N MET A 43 -3.41 -10.28 8.17
CA MET A 43 -3.39 -11.54 8.90
C MET A 43 -2.87 -12.66 8.02
N GLU A 44 -2.36 -13.71 8.64
CA GLU A 44 -1.83 -14.85 7.91
C GLU A 44 -2.94 -15.86 7.61
N GLY A 45 -3.83 -16.05 8.58
CA GLY A 45 -4.93 -16.99 8.42
C GLY A 45 -6.20 -16.27 7.98
N LEU A 46 -6.03 -15.17 7.26
CA LEU A 46 -7.16 -14.39 6.77
C LEU A 46 -8.26 -14.33 7.83
N GLY A 47 -7.86 -14.46 9.09
CA GLY A 47 -8.82 -14.42 10.19
C GLY A 47 -8.36 -15.28 11.35
N LEU A 48 -7.22 -14.94 11.92
CA LEU A 48 -6.67 -15.69 13.03
C LEU A 48 -5.87 -14.77 13.96
N ALA A 49 -5.12 -13.85 13.36
CA ALA A 49 -4.30 -12.92 14.15
C ALA A 49 -5.13 -11.70 14.55
#